data_2NXP
#
_entry.id   2NXP
#
_cell.length_a   93.620
_cell.length_b   61.829
_cell.length_c   133.357
_cell.angle_alpha   90.00
_cell.angle_beta   105.16
_cell.angle_gamma   90.00
#
_symmetry.space_group_name_H-M   'P 1 21 1'
#
loop_
_entity.id
_entity.type
_entity.pdbx_description
1 polymer 'Transcription initiation factor TFIID subunit 5'
2 non-polymer 'CALCIUM ION'
3 water water
#
_entity_poly.entity_id   1
_entity_poly.type   'polypeptide(L)'
_entity_poly.pdbx_seq_one_letter_code
;GSVAVEDQPDVSAVLSAYNQQGDPT(MSE)YEEYYSGLKHFIECSLDCHRAELSQLFYPLFVH(MSE)YLELVYNQHENE
AKSFFEKFHGDQECYYQDDLRVLSSLTKKEH(MSE)KGNET(MSE)LDFRTSKFVLRISRDSYQLLKRHLQEKQNNQIWN
IVQEHLYIDIFD
;
_entity_poly.pdbx_strand_id   A,B,C,D,E,F,G,H
#
loop_
_chem_comp.id
_chem_comp.type
_chem_comp.name
_chem_comp.formula
CA non-polymer 'CALCIUM ION' 'Ca 2'
#
# COMPACT_ATOMS: atom_id res chain seq x y z
N GLN A 8 -16.71 13.03 -12.08
CA GLN A 8 -17.30 11.78 -11.52
C GLN A 8 -18.68 11.52 -12.14
N PRO A 9 -18.98 10.25 -12.44
CA PRO A 9 -20.27 9.91 -13.03
C PRO A 9 -21.39 9.93 -11.99
N ASP A 10 -22.63 10.04 -12.46
CA ASP A 10 -23.79 10.01 -11.56
C ASP A 10 -24.16 8.57 -11.21
N VAL A 11 -25.11 8.41 -10.31
CA VAL A 11 -25.51 7.08 -9.85
C VAL A 11 -25.96 6.19 -11.01
N SER A 12 -26.88 6.69 -11.83
CA SER A 12 -27.43 5.90 -12.93
C SER A 12 -26.34 5.40 -13.88
N ALA A 13 -25.30 6.21 -14.07
CA ALA A 13 -24.17 5.82 -14.92
C ALA A 13 -23.41 4.67 -14.27
N VAL A 14 -23.17 4.79 -12.97
CA VAL A 14 -22.52 3.72 -12.21
C VAL A 14 -23.29 2.41 -12.31
N LEU A 15 -24.61 2.49 -12.15
CA LEU A 15 -25.46 1.30 -12.14
C LEU A 15 -25.59 0.66 -13.52
N SER A 16 -25.31 1.42 -14.56
CA SER A 16 -25.31 0.89 -15.91
C SER A 16 -24.24 -0.19 -16.08
N ALA A 17 -23.25 -0.15 -15.20
CA ALA A 17 -22.14 -1.11 -15.24
C ALA A 17 -22.60 -2.52 -14.86
N TYR A 18 -23.73 -2.63 -14.19
CA TYR A 18 -24.19 -3.93 -13.69
C TYR A 18 -25.35 -4.50 -14.50
N ASN A 19 -25.54 -4.00 -15.71
CA ASN A 19 -26.62 -4.47 -16.59
C ASN A 19 -26.32 -5.85 -17.18
N GLN A 20 -25.19 -5.96 -17.87
CA GLN A 20 -24.83 -7.19 -18.58
C GLN A 20 -24.38 -8.28 -17.62
N GLN A 21 -25.34 -8.97 -17.01
CA GLN A 21 -25.06 -10.12 -16.17
C GLN A 21 -24.50 -11.28 -17.00
N GLY A 22 -23.75 -12.17 -16.35
CA GLY A 22 -23.38 -13.43 -16.95
C GLY A 22 -24.27 -14.52 -16.38
N ASP A 23 -23.87 -15.78 -16.52
CA ASP A 23 -24.59 -16.87 -15.87
C ASP A 23 -24.31 -16.77 -14.37
N PRO A 24 -25.32 -16.37 -13.58
CA PRO A 24 -25.11 -16.13 -12.15
C PRO A 24 -24.73 -17.39 -11.37
N THR A 25 -25.04 -18.56 -11.94
CA THR A 25 -24.72 -19.83 -11.29
C THR A 25 -23.23 -20.15 -11.41
N MSE A 26 -22.53 -19.39 -12.26
CA MSE A 26 -21.12 -19.65 -12.54
C MSE A 26 -20.17 -18.64 -11.88
O MSE A 26 -18.96 -18.84 -11.90
CB MSE A 26 -20.88 -19.63 -14.05
CG MSE A 26 -21.46 -20.83 -14.78
SE MSE A 26 -20.57 -22.48 -14.25
CE MSE A 26 -18.78 -22.12 -14.97
N TYR A 27 -20.71 -17.56 -11.31
CA TYR A 27 -19.86 -16.51 -10.78
C TYR A 27 -18.82 -17.04 -9.80
N GLU A 28 -19.26 -17.90 -8.88
CA GLU A 28 -18.34 -18.48 -7.90
C GLU A 28 -17.25 -19.33 -8.57
N GLU A 29 -17.65 -20.09 -9.58
CA GLU A 29 -16.70 -20.85 -10.39
C GLU A 29 -15.66 -19.94 -11.05
N TYR A 30 -16.12 -18.86 -11.66
CA TYR A 30 -15.21 -17.93 -12.33
C TYR A 30 -14.22 -17.33 -11.32
N TYR A 31 -14.73 -16.88 -10.18
CA TYR A 31 -13.89 -16.21 -9.20
C TYR A 31 -12.93 -17.19 -8.53
N SER A 32 -13.43 -18.39 -8.22
CA SER A 32 -12.60 -19.45 -7.69
C SER A 32 -11.50 -19.84 -8.68
N GLY A 33 -11.86 -19.87 -9.96
CA GLY A 33 -10.89 -20.16 -11.01
C GLY A 33 -9.78 -19.13 -11.05
N LEU A 34 -10.15 -17.86 -10.97
CA LEU A 34 -9.18 -16.78 -11.00
C LEU A 34 -8.27 -16.83 -9.77
N LYS A 35 -8.88 -17.06 -8.62
CA LYS A 35 -8.15 -17.15 -7.37
C LYS A 35 -7.08 -18.23 -7.44
N HIS A 36 -7.46 -19.43 -7.90
CA HIS A 36 -6.51 -20.53 -8.03
C HIS A 36 -5.40 -20.19 -9.03
N PHE A 37 -5.78 -19.59 -10.15
CA PHE A 37 -4.83 -19.20 -11.18
C PHE A 37 -3.81 -18.21 -10.61
N ILE A 38 -4.31 -17.18 -9.95
CA ILE A 38 -3.47 -16.16 -9.35
C ILE A 38 -2.56 -16.75 -8.26
N GLU A 39 -3.14 -17.56 -7.38
CA GLU A 39 -2.38 -18.16 -6.28
C GLU A 39 -1.32 -19.16 -6.75
N CYS A 40 -1.52 -19.73 -7.94
CA CYS A 40 -0.56 -20.68 -8.50
C CYS A 40 0.45 -20.03 -9.46
N SER A 41 0.36 -18.72 -9.64
CA SER A 41 1.28 -18.01 -10.52
C SER A 41 2.62 -17.79 -9.83
N LEU A 42 3.64 -17.48 -10.63
CA LEU A 42 4.92 -17.02 -10.10
C LEU A 42 4.69 -15.80 -9.21
N ASP A 43 5.54 -15.64 -8.20
CA ASP A 43 5.42 -14.54 -7.25
C ASP A 43 5.18 -13.19 -7.93
N CYS A 44 5.95 -12.89 -8.97
CA CYS A 44 5.87 -11.60 -9.65
C CYS A 44 4.50 -11.37 -10.27
N HIS A 45 3.97 -12.38 -10.95
CA HIS A 45 2.65 -12.27 -11.56
C HIS A 45 1.55 -12.24 -10.50
N ARG A 46 1.71 -13.04 -9.45
CA ARG A 46 0.73 -13.10 -8.38
C ARG A 46 0.60 -11.77 -7.64
N ALA A 47 1.72 -11.10 -7.39
CA ALA A 47 1.71 -9.81 -6.71
C ALA A 47 0.89 -8.79 -7.49
N GLU A 48 1.11 -8.73 -8.80
CA GLU A 48 0.41 -7.79 -9.67
C GLU A 48 -1.07 -8.12 -9.80
N LEU A 49 -1.36 -9.38 -10.12
CA LEU A 49 -2.73 -9.80 -10.39
C LEU A 49 -3.63 -9.77 -9.15
N SER A 50 -3.04 -9.93 -7.97
CA SER A 50 -3.78 -9.86 -6.71
C SER A 50 -4.55 -8.53 -6.58
N GLN A 51 -4.09 -7.51 -7.30
CA GLN A 51 -4.79 -6.22 -7.36
C GLN A 51 -6.23 -6.38 -7.87
N LEU A 52 -6.47 -7.43 -8.66
CA LEU A 52 -7.78 -7.65 -9.27
C LEU A 52 -8.85 -8.11 -8.30
N PHE A 53 -8.44 -8.71 -7.18
CA PHE A 53 -9.38 -9.41 -6.31
C PHE A 53 -10.54 -8.54 -5.82
N TYR A 54 -10.24 -7.41 -5.20
CA TYR A 54 -11.30 -6.60 -4.58
C TYR A 54 -12.28 -5.99 -5.60
N PRO A 55 -11.76 -5.26 -6.60
CA PRO A 55 -12.67 -4.68 -7.61
C PRO A 55 -13.52 -5.71 -8.35
N LEU A 56 -12.96 -6.88 -8.63
CA LEU A 56 -13.72 -7.95 -9.28
C LEU A 56 -14.79 -8.52 -8.36
N PHE A 57 -14.45 -8.65 -7.08
CA PHE A 57 -15.39 -9.14 -6.09
C PHE A 57 -16.56 -8.17 -5.93
N VAL A 58 -16.25 -6.88 -5.78
CA VAL A 58 -17.30 -5.87 -5.59
C VAL A 58 -18.24 -5.78 -6.80
N HIS A 59 -17.66 -5.76 -7.99
CA HIS A 59 -18.46 -5.66 -9.22
C HIS A 59 -19.36 -6.87 -9.42
N MSE A 60 -18.84 -8.06 -9.19
CA MSE A 60 -19.60 -9.29 -9.42
C MSE A 60 -20.75 -9.42 -8.43
O MSE A 60 -21.86 -9.76 -8.81
CB MSE A 60 -18.68 -10.51 -9.37
CG MSE A 60 -17.77 -10.61 -10.60
SE MSE A 60 -16.51 -12.08 -10.50
CE MSE A 60 -17.75 -13.54 -10.93
N TYR A 61 -20.46 -9.15 -7.16
CA TYR A 61 -21.49 -9.14 -6.12
C TYR A 61 -22.62 -8.17 -6.48
N LEU A 62 -22.27 -6.94 -6.85
CA LEU A 62 -23.29 -5.93 -7.17
C LEU A 62 -24.04 -6.29 -8.44
N GLU A 63 -23.37 -6.96 -9.36
CA GLU A 63 -23.99 -7.44 -10.58
C GLU A 63 -25.06 -8.48 -10.26
N LEU A 64 -24.74 -9.41 -9.35
CA LEU A 64 -25.70 -10.40 -8.89
C LEU A 64 -26.90 -9.75 -8.19
N VAL A 65 -26.62 -8.79 -7.31
CA VAL A 65 -27.67 -8.11 -6.57
C VAL A 65 -28.55 -7.29 -7.50
N TYR A 66 -27.92 -6.54 -8.40
CA TYR A 66 -28.65 -5.66 -9.29
C TYR A 66 -29.59 -6.42 -10.22
N ASN A 67 -29.18 -7.63 -10.59
CA ASN A 67 -29.99 -8.47 -11.46
C ASN A 67 -30.87 -9.43 -10.67
N GLN A 68 -31.07 -9.11 -9.39
CA GLN A 68 -32.05 -9.79 -8.54
C GLN A 68 -31.72 -11.26 -8.24
N HIS A 69 -30.43 -11.59 -8.29
CA HIS A 69 -29.97 -12.91 -7.90
C HIS A 69 -29.50 -12.84 -6.45
N GLU A 70 -30.46 -12.70 -5.54
CA GLU A 70 -30.18 -12.39 -4.14
C GLU A 70 -29.53 -13.57 -3.42
N ASN A 71 -30.07 -14.76 -3.64
CA ASN A 71 -29.47 -15.97 -3.10
C ASN A 71 -28.01 -16.07 -3.52
N GLU A 72 -27.79 -15.93 -4.83
CA GLU A 72 -26.45 -16.08 -5.42
C GLU A 72 -25.47 -15.03 -4.91
N ALA A 73 -25.96 -13.81 -4.69
CA ALA A 73 -25.13 -12.72 -4.18
C ALA A 73 -24.71 -12.99 -2.75
N LYS A 74 -25.66 -13.38 -1.91
CA LYS A 74 -25.37 -13.74 -0.53
C LYS A 74 -24.32 -14.85 -0.46
N SER A 75 -24.51 -15.88 -1.29
CA SER A 75 -23.58 -17.00 -1.32
C SER A 75 -22.20 -16.57 -1.79
N PHE A 76 -22.15 -15.77 -2.86
CA PHE A 76 -20.90 -15.28 -3.43
C PHE A 76 -20.13 -14.44 -2.41
N PHE A 77 -20.86 -13.61 -1.68
CA PHE A 77 -20.27 -12.74 -0.66
C PHE A 77 -19.72 -13.55 0.50
N GLU A 78 -20.49 -14.52 0.96
CA GLU A 78 -20.09 -15.35 2.09
C GLU A 78 -18.82 -16.13 1.78
N LYS A 79 -18.67 -16.55 0.53
CA LYS A 79 -17.54 -17.37 0.13
C LYS A 79 -16.23 -16.58 -0.05
N PHE A 80 -16.33 -15.34 -0.53
CA PHE A 80 -15.12 -14.63 -0.96
C PHE A 80 -14.77 -13.34 -0.19
N HIS A 81 -15.67 -12.86 0.65
CA HIS A 81 -15.39 -11.60 1.36
C HIS A 81 -14.24 -11.75 2.35
N GLY A 82 -14.09 -12.95 2.91
CA GLY A 82 -13.12 -13.20 3.96
C GLY A 82 -11.65 -13.04 3.56
N ASP A 83 -11.33 -13.37 2.31
CA ASP A 83 -9.96 -13.33 1.84
C ASP A 83 -9.58 -12.02 1.15
N GLN A 84 -10.46 -11.04 1.18
CA GLN A 84 -10.12 -9.71 0.67
C GLN A 84 -9.19 -9.04 1.68
N GLU A 85 -8.41 -8.06 1.22
CA GLU A 85 -7.46 -7.37 2.10
C GLU A 85 -8.14 -6.86 3.36
N CYS A 86 -7.41 -6.92 4.47
CA CYS A 86 -7.96 -6.55 5.78
C CYS A 86 -8.53 -5.14 5.80
N TYR A 87 -7.95 -4.24 5.01
CA TYR A 87 -8.38 -2.84 5.02
C TYR A 87 -9.64 -2.58 4.18
N TYR A 88 -10.15 -3.60 3.50
CA TYR A 88 -11.43 -3.48 2.78
C TYR A 88 -12.61 -4.01 3.59
N GLN A 89 -12.35 -4.54 4.78
CA GLN A 89 -13.39 -5.21 5.55
C GLN A 89 -14.43 -4.24 6.11
N ASP A 90 -14.04 -2.98 6.32
CA ASP A 90 -15.01 -1.96 6.72
C ASP A 90 -15.89 -1.57 5.53
N ASP A 91 -15.30 -1.49 4.35
CA ASP A 91 -16.04 -1.21 3.13
C ASP A 91 -16.99 -2.37 2.80
N LEU A 92 -16.59 -3.58 3.16
CA LEU A 92 -17.37 -4.77 2.86
C LEU A 92 -18.62 -4.90 3.74
N ARG A 93 -18.52 -4.45 5.00
CA ARG A 93 -19.68 -4.48 5.89
C ARG A 93 -20.79 -3.61 5.31
N VAL A 94 -20.41 -2.45 4.79
CA VAL A 94 -21.34 -1.55 4.13
C VAL A 94 -21.87 -2.18 2.84
N LEU A 95 -21.00 -2.86 2.10
CA LEU A 95 -21.40 -3.53 0.87
C LEU A 95 -22.45 -4.61 1.16
N SER A 96 -22.26 -5.32 2.27
CA SER A 96 -23.14 -6.43 2.63
C SER A 96 -24.57 -5.99 2.97
N SER A 97 -24.76 -4.73 3.31
CA SER A 97 -26.09 -4.19 3.59
C SER A 97 -26.90 -4.00 2.29
N LEU A 98 -26.19 -4.01 1.16
CA LEU A 98 -26.84 -3.92 -0.15
C LEU A 98 -27.15 -5.31 -0.68
N THR A 99 -28.36 -5.79 -0.41
CA THR A 99 -28.73 -7.17 -0.76
C THR A 99 -29.82 -7.25 -1.84
N LYS A 100 -30.45 -6.12 -2.14
CA LYS A 100 -31.51 -6.07 -3.13
C LYS A 100 -31.28 -4.94 -4.12
N LYS A 101 -31.81 -5.09 -5.33
CA LYS A 101 -31.71 -4.06 -6.36
C LYS A 101 -32.24 -2.72 -5.84
N GLU A 102 -33.27 -2.78 -5.00
CA GLU A 102 -33.86 -1.58 -4.39
C GLU A 102 -32.83 -0.76 -3.63
N HIS A 103 -31.91 -1.45 -2.95
CA HIS A 103 -30.93 -0.79 -2.09
C HIS A 103 -29.88 -0.04 -2.89
N MSE A 104 -29.69 -0.44 -4.15
CA MSE A 104 -28.70 0.18 -5.02
C MSE A 104 -29.28 1.39 -5.77
O MSE A 104 -28.63 2.43 -5.88
CB MSE A 104 -28.17 -0.84 -6.03
CG MSE A 104 -27.39 -1.98 -5.41
SE MSE A 104 -27.02 -3.40 -6.69
CE MSE A 104 -26.00 -2.37 -8.00
N LYS A 105 -30.50 1.23 -6.29
CA LYS A 105 -31.13 2.30 -7.05
C LYS A 105 -31.27 3.58 -6.25
N GLY A 106 -30.90 4.70 -6.87
CA GLY A 106 -30.97 6.01 -6.22
C GLY A 106 -30.17 6.09 -4.93
N ASN A 107 -29.06 5.35 -4.88
CA ASN A 107 -28.23 5.32 -3.68
C ASN A 107 -26.84 5.92 -3.97
N GLU A 108 -26.51 6.98 -3.24
CA GLU A 108 -25.26 7.70 -3.42
C GLU A 108 -24.05 6.88 -3.01
N THR A 109 -24.26 5.92 -2.10
CA THR A 109 -23.18 5.06 -1.64
C THR A 109 -22.57 4.23 -2.77
N MSE A 110 -23.32 4.08 -3.86
CA MSE A 110 -22.84 3.36 -5.04
C MSE A 110 -21.61 4.04 -5.66
O MSE A 110 -20.84 3.40 -6.37
CB MSE A 110 -23.95 3.24 -6.07
CG MSE A 110 -25.07 2.31 -5.63
SE MSE A 110 -24.41 0.55 -5.12
CE MSE A 110 -23.57 0.05 -6.80
N LEU A 111 -21.44 5.33 -5.39
CA LEU A 111 -20.26 6.06 -5.86
C LEU A 111 -19.00 5.48 -5.25
N ASP A 112 -19.09 5.03 -4.00
CA ASP A 112 -17.96 4.46 -3.28
C ASP A 112 -17.51 3.11 -3.81
N PHE A 113 -18.39 2.41 -4.52
CA PHE A 113 -18.09 1.07 -5.02
C PHE A 113 -18.00 0.99 -6.53
N ARG A 114 -17.99 2.15 -7.21
CA ARG A 114 -17.95 2.17 -8.67
C ARG A 114 -16.66 1.52 -9.17
N THR A 115 -16.82 0.54 -10.06
CA THR A 115 -15.69 -0.26 -10.51
C THR A 115 -14.56 0.60 -11.09
N SER A 116 -14.92 1.70 -11.75
CA SER A 116 -13.93 2.52 -12.46
C SER A 116 -13.04 3.36 -11.54
N LYS A 117 -13.31 3.36 -10.23
CA LYS A 117 -12.48 4.13 -9.30
C LYS A 117 -11.24 3.35 -8.85
N PHE A 118 -11.23 2.04 -9.10
CA PHE A 118 -10.10 1.20 -8.73
C PHE A 118 -9.07 1.15 -9.85
N VAL A 119 -8.00 1.94 -9.69
CA VAL A 119 -6.94 2.01 -10.70
C VAL A 119 -6.04 0.79 -10.60
N LEU A 120 -5.79 0.15 -11.73
CA LEU A 120 -5.04 -1.10 -11.76
C LEU A 120 -3.96 -1.07 -12.83
N ARG A 121 -2.74 -1.40 -12.41
CA ARG A 121 -1.59 -1.40 -13.31
C ARG A 121 -0.84 -2.72 -13.19
N ILE A 122 -0.60 -3.36 -14.33
CA ILE A 122 0.13 -4.64 -14.36
C ILE A 122 1.04 -4.72 -15.57
N SER A 123 1.99 -5.65 -15.52
CA SER A 123 2.89 -5.90 -16.63
C SER A 123 2.18 -6.65 -17.74
N ARG A 124 2.72 -6.55 -18.95
CA ARG A 124 2.17 -7.24 -20.12
C ARG A 124 2.22 -8.75 -19.91
N ASP A 125 3.35 -9.23 -19.39
CA ASP A 125 3.49 -10.64 -19.02
C ASP A 125 2.30 -11.14 -18.21
N SER A 126 2.00 -10.44 -17.12
CA SER A 126 0.89 -10.79 -16.25
C SER A 126 -0.42 -10.74 -17.00
N TYR A 127 -0.57 -9.75 -17.87
CA TYR A 127 -1.79 -9.59 -18.65
C TYR A 127 -2.01 -10.75 -19.60
N GLN A 128 -1.01 -11.10 -20.40
CA GLN A 128 -0.92 -12.30 -21.25
CA GLN A 128 -1.34 -12.18 -21.34
C GLN A 128 -1.50 -13.54 -20.63
N LEU A 129 -0.99 -13.75 -19.41
CA LEU A 129 -1.29 -14.95 -18.64
C LEU A 129 -2.72 -14.90 -18.14
N LEU A 130 -3.14 -13.72 -17.67
CA LEU A 130 -4.50 -13.50 -17.22
C LEU A 130 -5.48 -13.70 -18.38
N LYS A 131 -5.15 -13.09 -19.51
CA LYS A 131 -6.01 -13.19 -20.69
C LYS A 131 -6.21 -14.65 -21.09
N ARG A 132 -5.12 -15.42 -21.08
CA ARG A 132 -5.18 -16.83 -21.44
C ARG A 132 -6.08 -17.60 -20.48
N HIS A 133 -5.89 -17.42 -19.17
CA HIS A 133 -6.75 -18.08 -18.19
C HIS A 133 -8.23 -17.75 -18.39
N LEU A 134 -8.51 -16.46 -18.63
CA LEU A 134 -9.89 -16.00 -18.70
C LEU A 134 -10.59 -16.42 -19.99
N GLN A 135 -9.81 -16.91 -20.95
CA GLN A 135 -10.37 -17.40 -22.20
C GLN A 135 -10.46 -18.92 -22.24
N GLU A 136 -10.07 -19.58 -21.16
CA GLU A 136 -10.18 -21.04 -21.06
C GLU A 136 -11.65 -21.48 -21.07
N LYS A 137 -12.46 -20.88 -20.19
CA LYS A 137 -13.89 -21.17 -20.16
C LYS A 137 -14.65 -20.25 -21.10
N GLN A 138 -15.67 -20.79 -21.76
CA GLN A 138 -16.48 -20.03 -22.71
C GLN A 138 -17.25 -18.93 -21.98
N ASN A 139 -17.20 -17.72 -22.53
CA ASN A 139 -17.85 -16.56 -21.94
C ASN A 139 -17.65 -16.47 -20.43
N ASN A 140 -16.39 -16.50 -20.00
CA ASN A 140 -16.06 -16.18 -18.61
C ASN A 140 -16.46 -14.74 -18.36
N GLN A 141 -17.36 -14.52 -17.40
CA GLN A 141 -17.89 -13.18 -17.14
C GLN A 141 -16.81 -12.20 -16.65
N ILE A 142 -15.74 -12.72 -16.06
CA ILE A 142 -14.66 -11.87 -15.57
C ILE A 142 -13.93 -11.22 -16.74
N TRP A 143 -13.83 -11.95 -17.85
CA TRP A 143 -13.21 -11.41 -19.05
C TRP A 143 -14.03 -10.25 -19.60
N ASN A 144 -15.35 -10.31 -19.46
CA ASN A 144 -16.24 -9.23 -19.88
C ASN A 144 -16.09 -8.00 -18.99
N ILE A 145 -15.92 -8.22 -17.69
CA ILE A 145 -15.73 -7.13 -16.74
C ILE A 145 -14.36 -6.49 -16.95
N VAL A 146 -13.35 -7.30 -17.26
CA VAL A 146 -12.02 -6.77 -17.53
C VAL A 146 -12.05 -5.90 -18.78
N GLN A 147 -12.78 -6.32 -19.81
CA GLN A 147 -12.86 -5.57 -21.06
C GLN A 147 -13.65 -4.28 -20.95
N GLU A 148 -14.74 -4.31 -20.21
CA GLU A 148 -15.74 -3.23 -20.26
C GLU A 148 -15.74 -2.28 -19.07
N HIS A 149 -15.31 -2.73 -17.89
CA HIS A 149 -15.53 -1.94 -16.68
C HIS A 149 -14.32 -1.66 -15.80
N LEU A 150 -13.29 -2.49 -15.89
CA LEU A 150 -12.10 -2.30 -15.05
C LEU A 150 -11.26 -1.13 -15.56
N TYR A 151 -10.85 -0.26 -14.64
CA TYR A 151 -9.87 0.76 -14.96
C TYR A 151 -8.50 0.09 -14.89
N ILE A 152 -8.07 -0.48 -16.01
CA ILE A 152 -6.84 -1.27 -16.04
C ILE A 152 -5.94 -0.93 -17.24
N ASP A 153 -4.66 -0.72 -16.94
CA ASP A 153 -3.66 -0.43 -17.97
C ASP A 153 -2.51 -1.42 -17.82
N ILE A 154 -1.88 -1.76 -18.94
CA ILE A 154 -0.74 -2.68 -18.91
C ILE A 154 0.51 -1.99 -19.45
N PHE A 155 1.66 -2.41 -18.97
CA PHE A 155 2.92 -1.74 -19.30
C PHE A 155 4.07 -2.72 -19.46
N ASP A 156 5.11 -2.29 -20.16
CA ASP A 156 6.35 -3.07 -20.26
C ASP A 156 7.39 -2.54 -19.28
N VAL B 11 26.73 -10.46 -11.04
CA VAL B 11 26.74 -10.73 -9.57
C VAL B 11 27.41 -9.59 -8.80
N SER B 12 28.54 -9.12 -9.33
CA SER B 12 29.25 -7.98 -8.72
C SER B 12 28.46 -6.69 -8.97
N ALA B 13 27.73 -6.64 -10.07
CA ALA B 13 26.86 -5.52 -10.37
C ALA B 13 25.68 -5.46 -9.39
N VAL B 14 25.24 -6.64 -8.96
CA VAL B 14 24.16 -6.74 -7.99
C VAL B 14 24.62 -6.30 -6.60
N LEU B 15 25.78 -6.79 -6.19
CA LEU B 15 26.30 -6.53 -4.84
C LEU B 15 26.64 -5.07 -4.60
N SER B 16 26.83 -4.30 -5.68
CA SER B 16 27.19 -2.89 -5.58
C SER B 16 26.04 -2.03 -5.07
N ALA B 17 24.82 -2.55 -5.15
CA ALA B 17 23.65 -1.82 -4.69
C ALA B 17 23.64 -1.67 -3.17
N TYR B 18 24.41 -2.51 -2.48
CA TYR B 18 24.45 -2.49 -1.03
C TYR B 18 25.68 -1.76 -0.48
N ASN B 19 26.29 -0.92 -1.32
CA ASN B 19 27.49 -0.17 -0.92
C ASN B 19 27.14 1.04 -0.07
N GLN B 20 26.23 1.87 -0.58
CA GLN B 20 25.84 3.12 0.08
C GLN B 20 24.89 2.85 1.25
N GLN B 21 25.44 2.29 2.33
CA GLN B 21 24.63 1.95 3.50
C GLN B 21 24.22 3.20 4.27
N GLY B 22 23.42 2.99 5.32
CA GLY B 22 23.05 4.07 6.23
C GLY B 22 23.39 3.67 7.66
N ASP B 23 22.82 4.37 8.63
CA ASP B 23 23.01 4.04 10.04
C ASP B 23 22.27 2.75 10.36
N PRO B 24 23.00 1.64 10.57
CA PRO B 24 22.37 0.33 10.70
C PRO B 24 21.54 0.17 11.97
N THR B 25 21.75 1.05 12.94
CA THR B 25 20.99 1.04 14.18
C THR B 25 19.58 1.62 13.98
N MSE B 26 19.35 2.22 12.82
CA MSE B 26 18.10 2.89 12.50
C MSE B 26 17.22 2.12 11.52
O MSE B 26 16.12 2.56 11.20
CB MSE B 26 18.38 4.28 11.93
CG MSE B 26 19.11 5.22 12.87
SE MSE B 26 17.98 5.76 14.36
CE MSE B 26 19.34 6.68 15.45
N TYR B 27 17.71 0.98 11.03
CA TYR B 27 16.99 0.23 10.00
C TYR B 27 15.63 -0.29 10.47
N GLU B 28 15.58 -0.82 11.69
CA GLU B 28 14.32 -1.28 12.25
C GLU B 28 13.35 -0.11 12.43
N GLU B 29 13.87 1.03 12.87
CA GLU B 29 13.04 2.22 13.05
C GLU B 29 12.46 2.72 11.73
N TYR B 30 13.30 2.78 10.70
CA TYR B 30 12.86 3.26 9.39
C TYR B 30 11.72 2.43 8.82
N TYR B 31 11.83 1.11 8.98
CA TYR B 31 10.89 0.19 8.37
C TYR B 31 9.58 0.12 9.16
N SER B 32 9.69 0.16 10.49
CA SER B 32 8.51 0.25 11.35
C SER B 32 7.73 1.53 11.04
N GLY B 33 8.45 2.64 10.90
CA GLY B 33 7.84 3.92 10.57
C GLY B 33 7.11 3.90 9.23
N LEU B 34 7.76 3.33 8.23
CA LEU B 34 7.15 3.22 6.90
C LEU B 34 5.93 2.31 6.95
N LYS B 35 6.02 1.25 7.74
CA LYS B 35 4.92 0.31 7.91
C LYS B 35 3.70 0.99 8.52
N HIS B 36 3.90 1.75 9.59
CA HIS B 36 2.81 2.47 10.24
C HIS B 36 2.17 3.48 9.29
N PHE B 37 3.02 4.23 8.58
CA PHE B 37 2.55 5.22 7.62
C PHE B 37 1.67 4.61 6.52
N ILE B 38 2.16 3.53 5.91
CA ILE B 38 1.41 2.84 4.86
C ILE B 38 0.09 2.28 5.42
N GLU B 39 0.18 1.57 6.54
CA GLU B 39 -1.00 0.95 7.13
C GLU B 39 -2.03 1.97 7.65
N CYS B 40 -1.61 3.21 7.86
CA CYS B 40 -2.53 4.27 8.30
C CYS B 40 -2.98 5.16 7.15
N SER B 41 -2.58 4.81 5.93
CA SER B 41 -2.97 5.57 4.75
C SER B 41 -4.37 5.19 4.32
N LEU B 42 -4.93 5.96 3.39
CA LEU B 42 -6.20 5.60 2.78
C LEU B 42 -6.02 4.35 1.93
N ASP B 43 -7.10 3.59 1.79
CA ASP B 43 -7.07 2.31 1.09
C ASP B 43 -6.37 2.38 -0.25
N CYS B 44 -6.72 3.39 -1.06
CA CYS B 44 -6.15 3.51 -2.40
C CYS B 44 -4.63 3.70 -2.37
N HIS B 45 -4.14 4.45 -1.40
CA HIS B 45 -2.70 4.67 -1.26
C HIS B 45 -2.02 3.45 -0.65
N ARG B 46 -2.63 2.89 0.39
CA ARG B 46 -2.07 1.72 1.06
C ARG B 46 -1.88 0.55 0.09
N ALA B 47 -2.84 0.36 -0.80
CA ALA B 47 -2.79 -0.75 -1.76
C ALA B 47 -1.58 -0.63 -2.69
N GLU B 48 -1.27 0.60 -3.09
CA GLU B 48 -0.15 0.86 -3.99
C GLU B 48 1.18 0.83 -3.28
N LEU B 49 1.26 1.53 -2.15
CA LEU B 49 2.51 1.68 -1.42
C LEU B 49 2.93 0.38 -0.74
N SER B 50 1.98 -0.53 -0.55
CA SER B 50 2.27 -1.84 0.02
C SER B 50 3.19 -2.67 -0.87
N GLN B 51 3.24 -2.35 -2.16
CA GLN B 51 4.17 -2.97 -3.10
C GLN B 51 5.63 -2.85 -2.65
N LEU B 52 5.90 -1.84 -1.80
CA LEU B 52 7.27 -1.54 -1.36
C LEU B 52 7.80 -2.47 -0.28
N PHE B 53 6.90 -3.18 0.41
CA PHE B 53 7.28 -3.90 1.62
C PHE B 53 8.37 -4.96 1.41
N TYR B 54 8.18 -5.84 0.44
CA TYR B 54 9.13 -6.94 0.23
C TYR B 54 10.47 -6.45 -0.33
N PRO B 55 10.43 -5.67 -1.43
CA PRO B 55 11.69 -5.16 -1.99
C PRO B 55 12.56 -4.43 -0.97
N LEU B 56 11.95 -3.55 -0.19
CA LEU B 56 12.69 -2.82 0.85
C LEU B 56 13.23 -3.75 1.94
N PHE B 57 12.44 -4.74 2.33
CA PHE B 57 12.89 -5.69 3.35
C PHE B 57 14.06 -6.53 2.86
N VAL B 58 14.00 -6.96 1.61
CA VAL B 58 15.07 -7.76 1.02
C VAL B 58 16.34 -6.92 0.92
N HIS B 59 16.22 -5.73 0.35
CA HIS B 59 17.37 -4.87 0.14
C HIS B 59 18.04 -4.55 1.47
N MSE B 60 17.24 -4.08 2.43
CA MSE B 60 17.76 -3.63 3.71
C MSE B 60 18.39 -4.77 4.51
O MSE B 60 19.36 -4.56 5.21
CB MSE B 60 16.67 -2.93 4.52
CG MSE B 60 16.21 -1.62 3.90
SE MSE B 60 14.68 -0.81 4.81
CE MSE B 60 15.61 -0.11 6.39
N TYR B 61 17.82 -5.96 4.41
CA TYR B 61 18.42 -7.12 5.06
C TYR B 61 19.77 -7.43 4.44
N LEU B 62 19.80 -7.48 3.11
CA LEU B 62 21.04 -7.77 2.38
C LEU B 62 22.07 -6.66 2.58
N GLU B 63 21.58 -5.42 2.76
CA GLU B 63 22.46 -4.30 2.96
C GLU B 63 23.15 -4.42 4.33
N LEU B 64 22.41 -4.93 5.31
CA LEU B 64 22.96 -5.18 6.64
C LEU B 64 23.91 -6.37 6.62
N VAL B 65 23.59 -7.40 5.84
CA VAL B 65 24.46 -8.58 5.75
C VAL B 65 25.75 -8.24 5.01
N TYR B 66 25.62 -7.45 3.95
CA TYR B 66 26.77 -7.11 3.11
C TYR B 66 27.81 -6.31 3.88
N ASN B 67 27.36 -5.36 4.70
CA ASN B 67 28.28 -4.53 5.48
C ASN B 67 28.57 -5.14 6.85
N GLN B 68 28.51 -6.47 6.92
CA GLN B 68 28.97 -7.23 8.08
C GLN B 68 28.31 -6.82 9.40
N HIS B 69 27.06 -6.40 9.34
CA HIS B 69 26.27 -6.13 10.53
C HIS B 69 25.39 -7.35 10.83
N GLU B 70 26.03 -8.50 11.03
CA GLU B 70 25.33 -9.78 11.16
C GLU B 70 24.17 -9.74 12.14
N ASN B 71 24.44 -9.33 13.38
CA ASN B 71 23.44 -9.40 14.45
C ASN B 71 22.21 -8.54 14.19
N GLU B 72 22.41 -7.30 13.76
CA GLU B 72 21.28 -6.41 13.52
C GLU B 72 20.58 -6.74 12.20
N ALA B 73 21.23 -7.52 11.34
CA ALA B 73 20.58 -8.07 10.16
C ALA B 73 19.70 -9.25 10.58
N LYS B 74 20.23 -10.06 11.49
CA LYS B 74 19.46 -11.17 12.05
C LYS B 74 18.26 -10.63 12.82
N SER B 75 18.43 -9.47 13.45
CA SER B 75 17.36 -8.81 14.19
C SER B 75 16.29 -8.28 13.24
N PHE B 76 16.74 -7.56 12.22
CA PHE B 76 15.86 -7.00 11.19
C PHE B 76 15.00 -8.09 10.55
N PHE B 77 15.62 -9.20 10.22
CA PHE B 77 14.93 -10.33 9.60
C PHE B 77 13.92 -10.97 10.55
N GLU B 78 14.35 -11.22 11.79
CA GLU B 78 13.46 -11.80 12.81
C GLU B 78 12.23 -10.93 13.06
N LYS B 79 12.37 -9.62 12.90
CA LYS B 79 11.29 -8.69 13.21
C LYS B 79 10.26 -8.54 12.10
N PHE B 80 10.72 -8.53 10.85
CA PHE B 80 9.86 -8.14 9.74
C PHE B 80 9.54 -9.22 8.71
N HIS B 81 10.18 -10.38 8.79
CA HIS B 81 10.02 -11.38 7.75
C HIS B 81 8.61 -11.99 7.78
N GLY B 82 8.05 -12.16 8.97
CA GLY B 82 6.78 -12.84 9.14
C GLY B 82 5.56 -12.10 8.61
N ASP B 83 5.67 -10.79 8.44
CA ASP B 83 4.55 -9.98 7.93
C ASP B 83 4.62 -9.75 6.42
N GLN B 84 5.64 -10.32 5.75
CA GLN B 84 5.70 -10.26 4.30
C GLN B 84 4.66 -11.23 3.73
N GLU B 85 4.32 -11.05 2.46
CA GLU B 85 3.29 -11.88 1.82
C GLU B 85 3.63 -13.35 1.97
N CYS B 86 2.60 -14.18 2.18
CA CYS B 86 2.78 -15.61 2.41
C CYS B 86 3.57 -16.28 1.28
N TYR B 87 3.47 -15.73 0.07
CA TYR B 87 4.10 -16.34 -1.09
C TYR B 87 5.57 -15.94 -1.27
N TYR B 88 6.12 -15.21 -0.31
CA TYR B 88 7.55 -14.94 -0.28
C TYR B 88 8.25 -15.76 0.80
N GLN B 89 7.50 -16.60 1.51
CA GLN B 89 8.07 -17.27 2.68
C GLN B 89 9.05 -18.36 2.29
N ASP B 90 8.79 -19.04 1.17
CA ASP B 90 9.74 -20.01 0.63
C ASP B 90 11.03 -19.29 0.21
N ASP B 91 10.90 -18.05 -0.26
CA ASP B 91 12.04 -17.27 -0.69
C ASP B 91 12.80 -16.70 0.51
N LEU B 92 12.06 -16.36 1.56
CA LEU B 92 12.65 -15.82 2.77
C LEU B 92 13.48 -16.88 3.50
N ARG B 93 13.04 -18.13 3.45
CA ARG B 93 13.80 -19.23 4.04
C ARG B 93 15.17 -19.37 3.37
N VAL B 94 15.22 -19.13 2.07
CA VAL B 94 16.47 -19.14 1.33
C VAL B 94 17.33 -17.94 1.73
N LEU B 95 16.70 -16.77 1.82
CA LEU B 95 17.41 -15.54 2.16
C LEU B 95 17.98 -15.59 3.58
N SER B 96 17.32 -16.36 4.45
CA SER B 96 17.75 -16.50 5.84
C SER B 96 19.08 -17.24 5.95
N SER B 97 19.37 -18.08 4.96
CA SER B 97 20.63 -18.83 4.93
C SER B 97 21.82 -17.91 4.60
N LEU B 98 21.53 -16.73 4.07
CA LEU B 98 22.57 -15.73 3.79
C LEU B 98 22.76 -14.80 4.99
N THR B 99 23.71 -15.15 5.85
CA THR B 99 23.95 -14.42 7.10
C THR B 99 25.21 -13.55 7.06
N LYS B 100 26.21 -13.98 6.30
CA LYS B 100 27.49 -13.27 6.24
C LYS B 100 27.74 -12.75 4.83
N LYS B 101 28.50 -11.66 4.74
CA LYS B 101 28.93 -11.15 3.43
C LYS B 101 29.54 -12.28 2.61
N GLU B 102 30.26 -13.17 3.30
CA GLU B 102 30.88 -14.33 2.67
C GLU B 102 29.88 -15.13 1.86
N HIS B 103 28.66 -15.26 2.37
CA HIS B 103 27.62 -16.05 1.72
C HIS B 103 27.07 -15.40 0.46
N MSE B 104 27.22 -14.08 0.35
CA MSE B 104 26.71 -13.32 -0.78
C MSE B 104 27.70 -13.29 -1.94
O MSE B 104 27.30 -13.26 -3.10
CB MSE B 104 26.35 -11.90 -0.35
CG MSE B 104 25.21 -11.81 0.64
SE MSE B 104 24.97 -10.03 1.42
CE MSE B 104 24.64 -9.01 -0.21
N LYS B 105 28.99 -13.29 -1.61
CA LYS B 105 30.05 -13.20 -2.61
C LYS B 105 29.95 -14.28 -3.67
N GLY B 106 29.85 -13.87 -4.93
CA GLY B 106 29.83 -14.80 -6.06
C GLY B 106 28.70 -15.82 -6.03
N ASN B 107 27.64 -15.53 -5.27
CA ASN B 107 26.51 -16.44 -5.14
C ASN B 107 25.50 -16.19 -6.26
N GLU B 108 25.04 -17.27 -6.89
CA GLU B 108 24.08 -17.17 -7.98
C GLU B 108 22.68 -16.86 -7.45
N THR B 109 22.46 -17.18 -6.18
CA THR B 109 21.19 -16.92 -5.52
C THR B 109 20.90 -15.41 -5.44
N MSE B 110 21.97 -14.60 -5.43
CA MSE B 110 21.84 -13.15 -5.33
C MSE B 110 21.06 -12.54 -6.50
O MSE B 110 20.43 -11.49 -6.34
CB MSE B 110 23.21 -12.50 -5.23
CG MSE B 110 23.87 -12.69 -3.87
SE MSE B 110 22.79 -11.94 -2.41
CE MSE B 110 22.65 -10.11 -3.09
N LEU B 111 21.11 -13.18 -7.66
CA LEU B 111 20.40 -12.70 -8.84
C LEU B 111 18.89 -12.72 -8.61
N ASP B 112 18.43 -13.64 -7.78
CA ASP B 112 17.00 -13.78 -7.48
C ASP B 112 16.51 -12.70 -6.52
N PHE B 113 17.44 -12.00 -5.86
CA PHE B 113 17.08 -10.99 -4.87
C PHE B 113 17.52 -9.58 -5.27
N ARG B 114 17.99 -9.42 -6.51
CA ARG B 114 18.44 -8.11 -6.98
C ARG B 114 17.29 -7.10 -6.85
N THR B 115 17.62 -5.93 -6.29
CA THR B 115 16.61 -4.91 -6.01
C THR B 115 16.04 -4.36 -7.31
N SER B 116 16.85 -4.33 -8.36
CA SER B 116 16.47 -3.73 -9.63
C SER B 116 15.44 -4.53 -10.43
N LYS B 117 15.14 -5.76 -10.00
CA LYS B 117 14.18 -6.59 -10.73
C LYS B 117 12.74 -6.32 -10.30
N PHE B 118 12.54 -5.93 -9.04
CA PHE B 118 11.21 -5.68 -8.51
C PHE B 118 10.57 -4.46 -9.17
N VAL B 119 9.54 -4.69 -9.97
CA VAL B 119 8.85 -3.61 -10.67
C VAL B 119 7.80 -3.00 -9.74
N LEU B 120 7.74 -1.67 -9.74
CA LEU B 120 6.84 -0.96 -8.84
C LEU B 120 6.19 0.22 -9.54
N ARG B 121 4.86 0.29 -9.48
CA ARG B 121 4.11 1.36 -10.10
C ARG B 121 3.14 1.97 -9.10
N ILE B 122 3.22 3.28 -8.90
CA ILE B 122 2.29 3.97 -8.01
C ILE B 122 1.86 5.31 -8.60
N SER B 123 0.80 5.88 -8.04
CA SER B 123 0.24 7.13 -8.51
C SER B 123 0.99 8.32 -7.92
N ARG B 124 0.85 9.47 -8.58
CA ARG B 124 1.54 10.69 -8.16
C ARG B 124 1.20 11.07 -6.71
N ASP B 125 -0.09 11.04 -6.38
CA ASP B 125 -0.53 11.41 -5.04
C ASP B 125 0.00 10.46 -3.97
N SER B 126 0.05 9.16 -4.29
CA SER B 126 0.64 8.18 -3.38
C SER B 126 2.13 8.45 -3.20
N TYR B 127 2.80 8.81 -4.30
CA TYR B 127 4.23 9.08 -4.26
C TYR B 127 4.55 10.32 -3.41
N GLN B 128 3.72 11.34 -3.52
CA GLN B 128 3.95 12.58 -2.76
C GLN B 128 3.84 12.34 -1.25
N LEU B 129 2.83 11.60 -0.84
CA LEU B 129 2.66 11.25 0.57
C LEU B 129 3.85 10.43 1.07
N LEU B 130 4.36 9.56 0.19
CA LEU B 130 5.49 8.71 0.53
C LEU B 130 6.77 9.53 0.70
N LYS B 131 7.03 10.40 -0.27
CA LYS B 131 8.19 11.27 -0.25
C LYS B 131 8.17 12.14 1.01
N ARG B 132 6.99 12.71 1.28
CA ARG B 132 6.77 13.50 2.48
C ARG B 132 7.19 12.73 3.74
N HIS B 133 6.61 11.54 3.92
CA HIS B 133 6.91 10.72 5.10
C HIS B 133 8.39 10.43 5.28
N LEU B 134 9.07 10.09 4.19
CA LEU B 134 10.47 9.68 4.26
C LEU B 134 11.41 10.86 4.52
N GLN B 135 10.94 12.06 4.21
CA GLN B 135 11.74 13.28 4.40
C GLN B 135 11.56 13.89 5.79
N GLU B 136 10.59 13.40 6.55
CA GLU B 136 10.31 13.92 7.88
C GLU B 136 11.45 13.63 8.86
N LYS B 137 12.31 12.68 8.49
CA LYS B 137 13.48 12.34 9.29
C LYS B 137 14.73 12.52 8.45
N GLN B 138 15.78 13.06 9.07
CA GLN B 138 17.01 13.38 8.34
C GLN B 138 17.74 12.11 7.89
N ASN B 139 18.05 12.06 6.60
CA ASN B 139 18.73 10.91 6.00
C ASN B 139 18.06 9.57 6.29
N ASN B 140 16.82 9.42 5.83
CA ASN B 140 16.12 8.14 5.92
C ASN B 140 16.67 7.20 4.85
N GLN B 141 17.32 6.13 5.30
CA GLN B 141 17.95 5.18 4.38
C GLN B 141 16.97 4.62 3.35
N ILE B 142 15.70 4.53 3.71
CA ILE B 142 14.68 4.07 2.78
C ILE B 142 14.51 5.06 1.62
N TRP B 143 14.61 6.34 1.93
CA TRP B 143 14.54 7.39 0.91
C TRP B 143 15.71 7.26 -0.09
N ASN B 144 16.88 6.86 0.41
CA ASN B 144 18.03 6.64 -0.46
C ASN B 144 17.79 5.44 -1.36
N ILE B 145 17.28 4.35 -0.79
CA ILE B 145 17.01 3.14 -1.54
C ILE B 145 15.97 3.40 -2.61
N VAL B 146 14.90 4.11 -2.25
CA VAL B 146 13.86 4.48 -3.20
C VAL B 146 14.43 5.30 -4.35
N GLN B 147 15.37 6.19 -4.04
CA GLN B 147 15.94 7.09 -5.05
C GLN B 147 17.01 6.44 -5.93
N GLU B 148 17.89 5.67 -5.31
CA GLU B 148 19.04 5.10 -6.03
C GLU B 148 18.82 3.67 -6.52
N HIS B 149 18.25 2.82 -5.68
CA HIS B 149 18.23 1.37 -5.96
C HIS B 149 16.86 0.79 -6.31
N LEU B 150 15.79 1.58 -6.14
CA LEU B 150 14.44 1.05 -6.32
C LEU B 150 13.81 1.54 -7.63
N TYR B 151 13.21 0.62 -8.36
CA TYR B 151 12.62 0.91 -9.67
C TYR B 151 11.14 1.26 -9.54
N ILE B 152 10.85 2.52 -9.22
CA ILE B 152 9.47 2.98 -9.07
C ILE B 152 9.09 3.95 -10.19
N ASP B 153 8.10 3.55 -10.98
CA ASP B 153 7.53 4.44 -12.00
C ASP B 153 6.36 5.20 -11.38
N ILE B 154 6.27 6.49 -11.68
CA ILE B 154 5.19 7.33 -11.15
C ILE B 154 4.21 7.64 -12.27
N PHE B 155 2.92 7.64 -11.93
CA PHE B 155 1.87 7.89 -12.90
C PHE B 155 0.95 9.01 -12.43
N ASP C 10 -15.64 -26.28 12.10
CA ASP C 10 -17.12 -26.27 12.05
C ASP C 10 -17.62 -27.28 11.03
N VAL C 11 -18.56 -28.12 11.43
CA VAL C 11 -19.04 -29.22 10.58
C VAL C 11 -19.89 -28.70 9.42
N SER C 12 -20.75 -27.74 9.69
CA SER C 12 -21.61 -27.17 8.66
C SER C 12 -20.80 -26.48 7.57
N ALA C 13 -19.66 -25.91 7.96
CA ALA C 13 -18.76 -25.28 7.01
C ALA C 13 -18.09 -26.33 6.13
N VAL C 14 -17.77 -27.47 6.72
CA VAL C 14 -17.16 -28.57 5.99
C VAL C 14 -18.12 -29.11 4.93
N LEU C 15 -19.40 -29.22 5.30
CA LEU C 15 -20.41 -29.78 4.40
C LEU C 15 -20.73 -28.88 3.20
N SER C 16 -20.47 -27.59 3.32
CA SER C 16 -20.72 -26.66 2.22
C SER C 16 -19.72 -26.90 1.08
N ALA C 17 -18.70 -27.69 1.34
CA ALA C 17 -17.70 -28.03 0.33
C ALA C 17 -18.20 -29.07 -0.67
N TYR C 18 -19.26 -29.79 -0.32
CA TYR C 18 -19.73 -30.91 -1.14
C TYR C 18 -21.02 -30.62 -1.91
N ASN C 19 -21.47 -29.38 -1.91
CA ASN C 19 -22.72 -29.03 -2.60
C ASN C 19 -22.56 -28.75 -4.10
N GLN C 20 -21.37 -28.31 -4.51
CA GLN C 20 -21.10 -28.03 -5.92
C GLN C 20 -20.66 -29.29 -6.65
N GLN C 21 -21.62 -30.17 -6.96
CA GLN C 21 -21.34 -31.45 -7.59
C GLN C 21 -21.16 -31.33 -9.10
N GLY C 22 -20.57 -32.37 -9.70
CA GLY C 22 -20.50 -32.50 -11.15
C GLY C 22 -21.46 -33.60 -11.60
N ASP C 23 -21.23 -34.16 -12.78
CA ASP C 23 -22.04 -35.28 -13.26
C ASP C 23 -21.60 -36.57 -12.54
N PRO C 24 -22.48 -37.12 -11.69
CA PRO C 24 -22.11 -38.25 -10.85
C PRO C 24 -21.71 -39.51 -11.63
N THR C 25 -22.25 -39.67 -12.83
CA THR C 25 -21.98 -40.85 -13.66
C THR C 25 -20.59 -40.83 -14.29
N MSE C 26 -19.92 -39.66 -14.23
CA MSE C 26 -18.59 -39.49 -14.81
C MSE C 26 -17.46 -39.46 -13.78
O MSE C 26 -16.29 -39.34 -14.15
CB MSE C 26 -18.57 -38.19 -15.62
CG MSE C 26 -19.38 -38.25 -16.90
SE MSE C 26 -18.59 -39.47 -18.20
CE MSE C 26 -16.90 -38.52 -18.54
N TYR C 27 -17.79 -39.55 -12.50
CA TYR C 27 -16.78 -39.46 -11.44
C TYR C 27 -15.72 -40.55 -11.53
N GLU C 28 -16.15 -41.78 -11.82
CA GLU C 28 -15.21 -42.89 -11.97
C GLU C 28 -14.29 -42.67 -13.17
N GLU C 29 -14.85 -42.14 -14.25
CA GLU C 29 -14.07 -41.84 -15.45
C GLU C 29 -12.96 -40.83 -15.15
N TYR C 30 -13.32 -39.77 -14.44
CA TYR C 30 -12.37 -38.70 -14.13
C TYR C 30 -11.25 -39.24 -13.25
N TYR C 31 -11.62 -40.00 -12.23
CA TYR C 31 -10.64 -40.51 -11.29
C TYR C 31 -9.75 -41.54 -11.99
N SER C 32 -10.36 -42.42 -12.78
CA SER C 32 -9.61 -43.40 -13.59
C SER C 32 -8.63 -42.72 -14.54
N GLY C 33 -9.08 -41.68 -15.23
CA GLY C 33 -8.22 -40.92 -16.12
C GLY C 33 -7.00 -40.36 -15.41
N LEU C 34 -7.24 -39.77 -14.23
CA LEU C 34 -6.18 -39.18 -13.43
C LEU C 34 -5.20 -40.25 -12.95
N LYS C 35 -5.74 -41.36 -12.47
CA LYS C 35 -4.93 -42.49 -12.03
C LYS C 35 -3.98 -42.96 -13.13
N HIS C 36 -4.53 -43.13 -14.34
CA HIS C 36 -3.72 -43.56 -15.48
C HIS C 36 -2.67 -42.50 -15.84
N PHE C 37 -3.06 -41.23 -15.81
CA PHE C 37 -2.13 -40.14 -16.08
C PHE C 37 -0.97 -40.12 -15.08
N ILE C 38 -1.29 -40.25 -13.80
CA ILE C 38 -0.27 -40.21 -12.76
C ILE C 38 0.66 -41.42 -12.82
N GLU C 39 0.08 -42.61 -12.99
CA GLU C 39 0.85 -43.85 -12.97
C GLU C 39 1.75 -43.97 -14.20
N CYS C 40 1.42 -43.23 -15.26
CA CYS C 40 2.23 -43.21 -16.48
C CYS C 40 3.24 -42.07 -16.50
N SER C 41 3.22 -41.23 -15.47
CA SER C 41 4.10 -40.06 -15.47
C SER C 41 5.51 -40.45 -15.05
N LEU C 42 6.44 -39.53 -15.28
CA LEU C 42 7.81 -39.67 -14.83
C LEU C 42 7.79 -39.99 -13.33
N ASP C 43 8.73 -40.84 -12.90
CA ASP C 43 8.73 -41.35 -11.53
C ASP C 43 8.66 -40.23 -10.48
N CYS C 44 9.46 -39.18 -10.66
CA CYS C 44 9.48 -38.09 -9.68
C CYS C 44 8.15 -37.35 -9.63
N HIS C 45 7.50 -37.19 -10.77
CA HIS C 45 6.17 -36.56 -10.83
C HIS C 45 5.10 -37.47 -10.21
N ARG C 46 5.14 -38.75 -10.56
CA ARG C 46 4.23 -39.74 -9.99
C ARG C 46 4.27 -39.70 -8.47
N ALA C 47 5.48 -39.65 -7.91
CA ALA C 47 5.65 -39.59 -6.46
C ALA C 47 4.93 -38.40 -5.86
N GLU C 48 5.09 -37.24 -6.48
CA GLU C 48 4.46 -36.00 -6.00
C GLU C 48 2.95 -36.00 -6.17
N LEU C 49 2.50 -36.31 -7.38
CA LEU C 49 1.07 -36.24 -7.72
C LEU C 49 0.24 -37.30 -7.00
N SER C 50 0.89 -38.37 -6.56
CA SER C 50 0.21 -39.44 -5.85
C SER C 50 -0.37 -38.99 -4.50
N GLN C 51 0.11 -37.86 -4.00
CA GLN C 51 -0.46 -37.24 -2.80
C GLN C 51 -1.92 -36.83 -3.01
N LEU C 52 -2.30 -36.63 -4.27
CA LEU C 52 -3.66 -36.21 -4.61
C LEU C 52 -4.68 -37.33 -4.46
N PHE C 53 -4.24 -38.57 -4.58
CA PHE C 53 -5.17 -39.69 -4.66
C PHE C 53 -6.18 -39.71 -3.51
N TYR C 54 -5.68 -39.72 -2.28
CA TYR C 54 -6.55 -39.87 -1.11
C TYR C 54 -7.51 -38.69 -0.90
N PRO C 55 -6.98 -37.46 -0.76
CA PRO C 55 -7.91 -36.31 -0.62
C PRO C 55 -8.98 -36.22 -1.72
N LEU C 56 -8.62 -36.55 -2.96
CA LEU C 56 -9.57 -36.52 -4.07
C LEU C 56 -10.62 -37.63 -3.98
N PHE C 57 -10.16 -38.82 -3.65
CA PHE C 57 -11.05 -39.96 -3.49
C PHE C 57 -12.08 -39.65 -2.42
N VAL C 58 -11.61 -39.14 -1.29
CA VAL C 58 -12.46 -38.80 -0.15
C VAL C 58 -13.47 -37.71 -0.50
N HIS C 59 -12.98 -36.63 -1.09
CA HIS C 59 -13.86 -35.53 -1.46
C HIS C 59 -14.95 -35.99 -2.41
N MSE C 60 -14.55 -36.69 -3.47
CA MSE C 60 -15.48 -37.14 -4.48
C MSE C 60 -16.51 -38.10 -3.92
O MSE C 60 -17.70 -37.98 -4.21
CB MSE C 60 -14.74 -37.76 -5.66
CG MSE C 60 -13.98 -36.73 -6.46
SE MSE C 60 -12.91 -37.50 -7.86
CE MSE C 60 -14.32 -37.81 -9.17
N TYR C 61 -16.05 -39.06 -3.13
CA TYR C 61 -16.96 -39.99 -2.48
C TYR C 61 -18.02 -39.24 -1.67
N LEU C 62 -17.56 -38.34 -0.80
CA LEU C 62 -18.47 -37.58 0.06
C LEU C 62 -19.38 -36.65 -0.74
N GLU C 63 -18.88 -36.13 -1.86
CA GLU C 63 -19.69 -35.32 -2.76
C GLU C 63 -20.86 -36.18 -3.31
N LEU C 64 -20.56 -37.39 -3.76
CA LEU C 64 -21.59 -38.29 -4.23
C LEU C 64 -22.62 -38.59 -3.13
N VAL C 65 -22.13 -38.85 -1.91
CA VAL C 65 -23.02 -39.19 -0.80
C VAL C 65 -23.87 -38.00 -0.39
N TYR C 66 -23.25 -36.83 -0.27
CA TYR C 66 -23.95 -35.63 0.17
C TYR C 66 -25.07 -35.22 -0.77
N ASN C 67 -24.87 -35.46 -2.07
CA ASN C 67 -25.87 -35.09 -3.08
C ASN C 67 -26.79 -36.26 -3.42
N GLN C 68 -26.74 -37.29 -2.59
CA GLN C 68 -27.71 -38.38 -2.61
C GLN C 68 -27.63 -39.25 -3.87
N HIS C 69 -26.41 -39.52 -4.31
CA HIS C 69 -26.17 -40.48 -5.38
C HIS C 69 -25.59 -41.75 -4.74
N GLU C 70 -26.42 -42.44 -3.96
CA GLU C 70 -25.96 -43.55 -3.12
C GLU C 70 -25.34 -44.69 -3.91
N ASN C 71 -25.95 -45.04 -5.03
CA ASN C 71 -25.42 -46.09 -5.90
C ASN C 71 -24.06 -45.72 -6.47
N GLU C 72 -23.94 -44.49 -6.96
CA GLU C 72 -22.69 -44.01 -7.54
C GLU C 72 -21.58 -43.97 -6.49
N ALA C 73 -21.93 -43.53 -5.29
CA ALA C 73 -20.96 -43.41 -4.20
C ALA C 73 -20.34 -44.76 -3.85
N LYS C 74 -21.21 -45.76 -3.66
CA LYS C 74 -20.78 -47.10 -3.30
C LYS C 74 -19.89 -47.69 -4.40
N SER C 75 -20.31 -47.51 -5.65
CA SER C 75 -19.55 -48.02 -6.79
C SER C 75 -18.18 -47.36 -6.88
N PHE C 76 -18.15 -46.05 -6.65
CA PHE C 76 -16.91 -45.27 -6.66
C PHE C 76 -15.96 -45.77 -5.58
N PHE C 77 -16.50 -45.95 -4.37
CA PHE C 77 -15.72 -46.46 -3.25
C PHE C 77 -15.18 -47.85 -3.52
N GLU C 78 -16.05 -48.73 -4.02
CA GLU C 78 -15.67 -50.10 -4.34
C GLU C 78 -14.53 -50.13 -5.34
N LYS C 79 -14.56 -49.22 -6.30
CA LYS C 79 -13.59 -49.24 -7.37
C LYS C 79 -12.21 -48.73 -6.94
N PHE C 80 -12.15 -47.70 -6.11
CA PHE C 80 -10.88 -47.00 -5.88
C PHE C 80 -10.29 -47.07 -4.46
N HIS C 81 -11.06 -47.53 -3.47
CA HIS C 81 -10.55 -47.52 -2.10
C HIS C 81 -9.33 -48.43 -1.93
N GLY C 82 -9.29 -49.51 -2.70
CA GLY C 82 -8.24 -50.52 -2.58
C GLY C 82 -6.82 -50.03 -2.87
N ASP C 83 -6.67 -49.17 -3.86
CA ASP C 83 -5.34 -48.69 -4.25
C ASP C 83 -4.84 -47.50 -3.44
N GLN C 84 -5.64 -47.01 -2.51
CA GLN C 84 -5.17 -45.94 -1.61
C GLN C 84 -4.08 -46.52 -0.72
N GLU C 85 -3.20 -45.65 -0.22
CA GLU C 85 -2.10 -46.10 0.64
C GLU C 85 -2.62 -46.98 1.78
N CYS C 86 -1.86 -48.03 2.10
CA CYS C 86 -2.30 -48.98 3.10
C CYS C 86 -2.61 -48.30 4.43
N TYR C 87 -1.87 -47.24 4.76
CA TYR C 87 -2.08 -46.54 6.04
C TYR C 87 -3.36 -45.70 6.10
N TYR C 88 -4.10 -45.60 5.00
CA TYR C 88 -5.41 -44.95 5.00
C TYR C 88 -6.56 -45.95 5.11
N GLN C 89 -6.25 -47.25 5.19
CA GLN C 89 -7.31 -48.26 5.10
C GLN C 89 -8.19 -48.30 6.35
N ASP C 90 -7.66 -47.88 7.50
CA ASP C 90 -8.49 -47.75 8.70
C ASP C 90 -9.43 -46.55 8.57
N ASP C 91 -8.93 -45.47 7.98
CA ASP C 91 -9.74 -44.28 7.75
C ASP C 91 -10.84 -44.52 6.73
N LEU C 92 -10.53 -45.37 5.75
CA LEU C 92 -11.50 -45.71 4.71
C LEU C 92 -12.66 -46.55 5.25
N ARG C 93 -12.41 -47.35 6.28
CA ARG C 93 -13.46 -48.14 6.89
C ARG C 93 -14.47 -47.22 7.58
N VAL C 94 -13.95 -46.20 8.26
CA VAL C 94 -14.78 -45.17 8.90
C VAL C 94 -15.58 -44.43 7.83
N LEU C 95 -14.92 -44.07 6.74
CA LEU C 95 -15.56 -43.37 5.64
C LEU C 95 -16.68 -44.22 5.00
N SER C 96 -16.43 -45.52 4.89
CA SER C 96 -17.39 -46.43 4.24
C SER C 96 -18.73 -46.53 4.97
N SER C 97 -18.77 -46.15 6.25
CA SER C 97 -20.01 -46.20 7.00
C SER C 97 -20.83 -44.91 6.84
N LEU C 98 -20.26 -43.92 6.15
CA LEU C 98 -21.03 -42.75 5.71
C LEU C 98 -21.56 -43.00 4.30
N THR C 99 -22.83 -43.39 4.21
CA THR C 99 -23.43 -43.77 2.93
C THR C 99 -24.65 -42.92 2.57
N LYS C 100 -25.09 -42.08 3.49
CA LYS C 100 -26.24 -41.21 3.27
C LYS C 100 -25.94 -39.82 3.79
N LYS C 101 -26.60 -38.82 3.20
CA LYS C 101 -26.44 -37.43 3.59
C LYS C 101 -26.66 -37.25 5.09
N GLU C 102 -27.67 -37.95 5.61
CA GLU C 102 -28.05 -37.83 7.01
C GLU C 102 -26.93 -38.29 7.94
N HIS C 103 -26.06 -39.16 7.46
CA HIS C 103 -24.92 -39.63 8.25
C HIS C 103 -23.85 -38.56 8.39
N MSE C 104 -23.82 -37.61 7.46
CA MSE C 104 -22.79 -36.57 7.46
C MSE C 104 -23.19 -35.35 8.27
O MSE C 104 -22.33 -34.71 8.89
CB MSE C 104 -22.51 -36.14 6.02
CG MSE C 104 -22.00 -37.28 5.13
SE MSE C 104 -21.94 -36.79 3.24
CE MSE C 104 -20.63 -35.35 3.32
N LYS C 105 -24.49 -35.03 8.27
CA LYS C 105 -25.00 -33.85 8.99
C LYS C 105 -24.69 -33.90 10.49
N GLY C 106 -24.03 -32.86 10.98
CA GLY C 106 -23.72 -32.74 12.40
C GLY C 106 -22.73 -33.78 12.91
N ASN C 107 -22.10 -34.50 11.99
CA ASN C 107 -21.19 -35.60 12.35
C ASN C 107 -19.74 -35.13 12.43
N GLU C 108 -19.17 -35.16 13.63
CA GLU C 108 -17.79 -34.69 13.86
C GLU C 108 -16.74 -35.53 13.13
N THR C 109 -17.11 -36.74 12.72
CA THR C 109 -16.24 -37.56 11.88
C THR C 109 -15.81 -36.78 10.63
N MSE C 110 -16.70 -35.91 10.15
CA MSE C 110 -16.45 -35.09 8.96
C MSE C 110 -15.22 -34.20 9.07
O MSE C 110 -14.63 -33.83 8.06
CB MSE C 110 -17.67 -34.21 8.68
CG MSE C 110 -18.89 -34.98 8.21
SE MSE C 110 -18.47 -36.09 6.66
CE MSE C 110 -17.81 -34.67 5.48
N LEU C 111 -14.84 -33.84 10.29
CA LEU C 111 -13.69 -32.99 10.52
C LEU C 111 -12.40 -33.71 10.09
N ASP C 112 -12.38 -35.03 10.23
CA ASP C 112 -11.21 -35.82 9.85
C ASP C 112 -11.08 -35.99 8.33
N PHE C 113 -12.13 -35.64 7.59
CA PHE C 113 -12.13 -35.85 6.14
C PHE C 113 -12.24 -34.54 5.36
N ARG C 114 -12.12 -33.41 6.07
CA ARG C 114 -12.27 -32.10 5.42
C ARG C 114 -11.13 -31.88 4.42
N THR C 115 -11.50 -31.61 3.18
CA THR C 115 -10.56 -31.54 2.08
C THR C 115 -9.39 -30.58 2.34
N SER C 116 -9.65 -29.53 3.11
CA SER C 116 -8.64 -28.51 3.37
C SER C 116 -7.61 -28.88 4.45
N LYS C 117 -7.70 -30.10 4.98
CA LYS C 117 -6.76 -30.54 6.01
C LYS C 117 -5.56 -31.29 5.42
N PHE C 118 -5.57 -31.49 4.10
CA PHE C 118 -4.48 -32.21 3.44
C PHE C 118 -3.54 -31.25 2.71
N VAL C 119 -2.30 -31.19 3.18
CA VAL C 119 -1.30 -30.27 2.63
C VAL C 119 -0.65 -30.89 1.41
N LEU C 120 -0.86 -30.29 0.24
CA LEU C 120 -0.35 -30.85 -1.01
C LEU C 120 0.71 -29.94 -1.65
N ARG C 121 1.94 -30.43 -1.69
CA ARG C 121 3.08 -29.67 -2.20
C ARG C 121 3.70 -30.35 -3.41
N ILE C 122 3.70 -29.67 -4.55
CA ILE C 122 4.26 -30.23 -5.78
C ILE C 122 5.08 -29.21 -6.56
N SER C 123 5.94 -29.71 -7.45
CA SER C 123 6.77 -28.86 -8.29
C SER C 123 5.94 -28.23 -9.40
N ARG C 124 6.45 -27.17 -10.01
CA ARG C 124 5.74 -26.48 -11.07
C ARG C 124 5.56 -27.34 -12.31
N ASP C 125 6.58 -28.14 -12.64
CA ASP C 125 6.49 -29.05 -13.79
C ASP C 125 5.33 -30.02 -13.61
N SER C 126 5.25 -30.62 -12.43
CA SER C 126 4.18 -31.57 -12.11
C SER C 126 2.80 -30.91 -12.21
N TYR C 127 2.67 -29.72 -11.65
CA TYR C 127 1.40 -29.00 -11.69
C TYR C 127 1.00 -28.69 -13.12
N GLN C 128 1.97 -28.32 -13.96
CA GLN C 128 1.69 -27.96 -15.35
C GLN C 128 1.16 -29.17 -16.13
N LEU C 129 1.76 -30.34 -15.90
CA LEU C 129 1.29 -31.56 -16.54
C LEU C 129 -0.09 -31.97 -16.01
N LEU C 130 -0.26 -31.86 -14.69
CA LEU C 130 -1.55 -32.15 -14.07
C LEU C 130 -2.64 -31.23 -14.62
N LYS C 131 -2.35 -29.93 -14.65
CA LYS C 131 -3.29 -28.92 -15.18
C LYS C 131 -3.70 -29.25 -16.62
N ARG C 132 -2.70 -29.53 -17.46
CA ARG C 132 -2.96 -29.91 -18.84
C ARG C 132 -3.85 -31.16 -18.93
N HIS C 133 -3.57 -32.19 -18.13
CA HIS C 133 -4.42 -33.38 -18.12
C HIS C 133 -5.86 -33.06 -17.69
N LEU C 134 -5.99 -32.27 -16.63
CA LEU C 134 -7.30 -31.94 -16.08
C LEU C 134 -8.12 -31.00 -16.96
N GLN C 135 -7.43 -30.20 -17.78
CA GLN C 135 -8.11 -29.21 -18.63
C GLN C 135 -8.57 -29.77 -19.97
N GLU C 136 -8.15 -30.98 -20.31
CA GLU C 136 -8.41 -31.50 -21.65
C GLU C 136 -9.83 -32.03 -21.83
N LYS C 137 -10.40 -32.59 -20.77
CA LYS C 137 -11.75 -33.12 -20.84
C LYS C 137 -12.75 -32.09 -20.30
N GLN C 138 -13.77 -31.81 -21.11
CA GLN C 138 -14.79 -30.81 -20.75
C GLN C 138 -15.50 -31.17 -19.46
N ASN C 139 -15.48 -30.23 -18.51
CA ASN C 139 -16.20 -30.36 -17.24
C ASN C 139 -15.69 -31.48 -16.33
N ASN C 140 -14.39 -31.76 -16.41
CA ASN C 140 -13.75 -32.67 -15.47
C ASN C 140 -13.93 -32.12 -14.05
N GLN C 141 -14.70 -32.84 -13.23
CA GLN C 141 -15.01 -32.38 -11.88
C GLN C 141 -13.77 -32.27 -11.00
N ILE C 142 -12.76 -33.07 -11.28
CA ILE C 142 -11.53 -33.02 -10.48
C ILE C 142 -10.81 -31.68 -10.64
N TRP C 143 -10.89 -31.11 -11.83
CA TRP C 143 -10.31 -29.79 -12.06
C TRP C 143 -11.03 -28.75 -11.20
N ASN C 144 -12.36 -28.87 -11.13
CA ASN C 144 -13.15 -28.00 -10.27
C ASN C 144 -12.76 -28.15 -8.80
N ILE C 145 -12.60 -29.39 -8.36
CA ILE C 145 -12.23 -29.67 -6.98
C ILE C 145 -10.86 -29.12 -6.67
N VAL C 146 -9.93 -29.31 -7.61
CA VAL C 146 -8.55 -28.83 -7.45
C VAL C 146 -8.51 -27.31 -7.35
N GLN C 147 -9.32 -26.63 -8.16
CA GLN C 147 -9.35 -25.18 -8.17
C GLN C 147 -10.00 -24.59 -6.91
N GLU C 148 -11.02 -25.27 -6.40
CA GLU C 148 -11.81 -24.73 -5.29
C GLU C 148 -11.38 -25.21 -3.91
N HIS C 149 -11.21 -26.52 -3.76
CA HIS C 149 -11.13 -27.14 -2.43
C HIS C 149 -9.75 -27.61 -1.99
N LEU C 150 -8.88 -27.96 -2.94
CA LEU C 150 -7.60 -28.56 -2.58
C LEU C 150 -6.59 -27.54 -2.08
N TYR C 151 -5.84 -27.95 -1.06
CA TYR C 151 -4.78 -27.13 -0.46
C TYR C 151 -3.46 -27.39 -1.20
N ILE C 152 -3.31 -26.76 -2.37
CA ILE C 152 -2.15 -26.99 -3.23
C ILE C 152 -1.09 -25.90 -3.10
N ASP C 153 0.17 -26.31 -3.12
CA ASP C 153 1.30 -25.39 -2.96
C ASP C 153 2.37 -25.71 -4.00
N ILE C 154 2.56 -24.79 -4.95
CA ILE C 154 3.52 -25.01 -6.05
C ILE C 154 4.90 -24.54 -5.62
N PHE C 155 5.94 -25.21 -6.13
CA PHE C 155 7.32 -24.84 -5.80
C PHE C 155 8.26 -24.90 -6.99
N ASP C 156 9.16 -23.92 -7.04
CA ASP C 156 10.13 -23.81 -8.13
C ASP C 156 11.54 -24.08 -7.61
N ASP D 10 28.68 -33.92 -12.58
CA ASP D 10 29.91 -34.72 -12.83
C ASP D 10 29.99 -35.90 -11.86
N VAL D 11 30.55 -37.01 -12.34
CA VAL D 11 30.58 -38.25 -11.56
C VAL D 11 31.44 -38.12 -10.31
N SER D 12 32.60 -37.47 -10.43
CA SER D 12 33.50 -37.28 -9.30
C SER D 12 32.81 -36.63 -8.10
N ALA D 13 32.00 -35.61 -8.38
CA ALA D 13 31.26 -34.91 -7.34
C ALA D 13 30.23 -35.83 -6.69
N VAL D 14 29.58 -36.66 -7.51
CA VAL D 14 28.55 -37.58 -7.02
C VAL D 14 29.16 -38.68 -6.16
N LEU D 15 30.28 -39.25 -6.60
CA LEU D 15 30.92 -40.36 -5.90
C LEU D 15 31.48 -39.96 -4.54
N SER D 16 31.77 -38.68 -4.37
CA SER D 16 32.35 -38.18 -3.12
C SER D 16 31.36 -38.27 -1.97
N ALA D 17 30.09 -38.45 -2.29
CA ALA D 17 29.05 -38.54 -1.27
C ALA D 17 29.10 -39.87 -0.50
N TYR D 18 29.91 -40.81 -0.97
CA TYR D 18 29.92 -42.17 -0.39
C TYR D 18 31.21 -42.52 0.34
N ASN D 19 32.05 -41.53 0.63
CA ASN D 19 33.35 -41.79 1.27
C ASN D 19 33.30 -41.70 2.80
N GLN D 20 32.38 -40.90 3.34
CA GLN D 20 32.21 -40.79 4.79
C GLN D 20 31.17 -41.80 5.27
N GLN D 21 31.57 -43.07 5.29
CA GLN D 21 30.69 -44.17 5.66
C GLN D 21 30.43 -44.25 7.16
N GLY D 22 29.65 -45.26 7.56
CA GLY D 22 29.43 -45.58 8.98
C GLY D 22 29.80 -47.03 9.24
N ASP D 23 29.24 -47.62 10.28
CA ASP D 23 29.47 -49.03 10.57
C ASP D 23 28.60 -49.89 9.65
N PRO D 24 29.22 -50.51 8.61
CA PRO D 24 28.45 -51.22 7.59
C PRO D 24 27.57 -52.34 8.14
N THR D 25 27.96 -52.91 9.27
CA THR D 25 27.19 -53.98 9.90
C THR D 25 25.91 -53.47 10.55
N MSE D 26 25.82 -52.16 10.74
CA MSE D 26 24.64 -51.56 11.36
C MSE D 26 23.65 -51.01 10.34
O MSE D 26 22.52 -50.68 10.68
CB MSE D 26 25.05 -50.44 12.31
CG MSE D 26 25.60 -50.93 13.63
SE MSE D 26 24.24 -51.90 14.65
CE MSE D 26 23.09 -50.39 15.13
N TYR D 27 24.07 -50.93 9.07
CA TYR D 27 23.26 -50.29 8.04
C TYR D 27 21.82 -50.81 7.99
N GLU D 28 21.67 -52.13 8.03
CA GLU D 28 20.34 -52.74 8.02
C GLU D 28 19.56 -52.37 9.27
N GLU D 29 20.26 -52.24 10.41
CA GLU D 29 19.61 -51.87 11.66
C GLU D 29 19.07 -50.44 11.61
N TYR D 30 19.88 -49.52 11.10
CA TYR D 30 19.45 -48.12 10.96
C TYR D 30 18.22 -48.00 10.07
N TYR D 31 18.23 -48.70 8.95
CA TYR D 31 17.15 -48.61 7.97
C TYR D 31 15.88 -49.27 8.51
N SER D 32 16.05 -50.46 9.11
CA SER D 32 14.94 -51.15 9.77
C SER D 32 14.29 -50.28 10.82
N GLY D 33 15.10 -49.54 11.56
CA GLY D 33 14.62 -48.67 12.62
C GLY D 33 13.83 -47.48 12.10
N LEU D 34 14.33 -46.85 11.02
CA LEU D 34 13.63 -45.75 10.38
C LEU D 34 12.30 -46.24 9.84
N LYS D 35 12.34 -47.38 9.18
CA LYS D 35 11.14 -48.02 8.66
C LYS D 35 10.08 -48.16 9.76
N HIS D 36 10.49 -48.66 10.92
CA HIS D 36 9.55 -48.84 12.04
C HIS D 36 9.01 -47.51 12.54
N PHE D 37 9.90 -46.51 12.66
CA PHE D 37 9.51 -45.19 13.13
C PHE D 37 8.48 -44.55 12.19
N ILE D 38 8.69 -44.67 10.89
CA ILE D 38 7.78 -44.08 9.92
C ILE D 38 6.44 -44.83 9.87
N GLU D 39 6.49 -46.16 9.88
CA GLU D 39 5.26 -46.96 9.77
C GLU D 39 4.32 -46.78 10.97
N CYS D 40 4.87 -46.48 12.13
CA CYS D 40 4.05 -46.30 13.33
C CYS D 40 3.69 -44.83 13.59
N SER D 41 4.07 -43.95 12.68
CA SER D 41 3.75 -42.53 12.77
C SER D 41 2.32 -42.25 12.32
N LEU D 42 1.80 -41.09 12.70
CA LEU D 42 0.52 -40.60 12.20
C LEU D 42 0.56 -40.49 10.68
N ASP D 43 -0.60 -40.62 10.05
CA ASP D 43 -0.70 -40.64 8.59
C ASP D 43 0.00 -39.45 7.95
N CYS D 44 -0.26 -38.26 8.46
CA CYS D 44 0.27 -37.04 7.87
C CYS D 44 1.80 -37.02 7.90
N HIS D 45 2.38 -37.53 8.99
CA HIS D 45 3.83 -37.59 9.12
C HIS D 45 4.41 -38.72 8.27
N ARG D 46 3.71 -39.86 8.25
CA ARG D 46 4.15 -41.01 7.48
C ARG D 46 4.16 -40.73 5.98
N ALA D 47 3.13 -40.02 5.51
CA ALA D 47 3.05 -39.68 4.10
C ALA D 47 4.26 -38.86 3.66
N GLU D 48 4.63 -37.88 4.48
CA GLU D 48 5.78 -37.02 4.20
C GLU D 48 7.12 -37.75 4.33
N LEU D 49 7.31 -38.47 5.42
CA LEU D 49 8.60 -39.09 5.70
C LEU D 49 8.89 -40.29 4.79
N SER D 50 7.84 -40.89 4.23
CA SER D 50 8.00 -41.99 3.29
C SER D 50 8.79 -41.60 2.04
N GLN D 51 8.81 -40.30 1.74
CA GLN D 51 9.63 -39.78 0.64
C GLN D 51 11.10 -40.13 0.81
N LEU D 52 11.50 -40.41 2.05
CA LEU D 52 12.90 -40.70 2.39
C LEU D 52 13.37 -42.08 1.99
N PHE D 53 12.44 -43.04 1.86
CA PHE D 53 12.80 -44.44 1.74
C PHE D 53 13.75 -44.74 0.58
N TYR D 54 13.40 -44.26 -0.61
CA TYR D 54 14.15 -44.62 -1.81
C TYR D 54 15.51 -43.92 -1.89
N PRO D 55 15.54 -42.58 -1.73
CA PRO D 55 16.83 -41.89 -1.69
C PRO D 55 17.80 -42.44 -0.65
N LEU D 56 17.32 -42.67 0.57
CA LEU D 56 18.14 -43.29 1.61
C LEU D 56 18.61 -44.68 1.22
N PHE D 57 17.70 -45.50 0.69
CA PHE D 57 18.07 -46.84 0.26
C PHE D 57 19.18 -46.78 -0.77
N VAL D 58 18.99 -45.93 -1.78
CA VAL D 58 19.94 -45.79 -2.87
C VAL D 58 21.31 -45.36 -2.35
N HIS D 59 21.34 -44.33 -1.52
CA HIS D 59 22.59 -43.81 -0.99
C HIS D 59 23.34 -44.85 -0.17
N MSE D 60 22.64 -45.50 0.76
CA MSE D 60 23.26 -46.43 1.69
C MSE D 60 23.79 -47.66 0.99
O MSE D 60 24.81 -48.23 1.38
CB MSE D 60 22.27 -46.83 2.79
CG MSE D 60 21.89 -45.68 3.70
SE MSE D 60 20.55 -46.17 5.05
CE MSE D 60 21.68 -47.27 6.22
N TYR D 61 23.11 -48.09 -0.07
CA TYR D 61 23.57 -49.24 -0.85
C TYR D 61 24.89 -48.90 -1.55
N LEU D 62 24.92 -47.75 -2.18
CA LEU D 62 26.09 -47.33 -2.95
C LEU D 62 27.28 -47.12 -2.01
N GLU D 63 26.99 -46.66 -0.80
CA GLU D 63 28.00 -46.41 0.22
C GLU D 63 28.68 -47.73 0.62
N LEU D 64 27.89 -48.79 0.75
CA LEU D 64 28.43 -50.11 1.06
C LEU D 64 29.25 -50.67 -0.09
N VAL D 65 28.74 -50.54 -1.31
CA VAL D 65 29.44 -51.00 -2.51
C VAL D 65 30.77 -50.26 -2.65
N TYR D 66 30.72 -48.94 -2.60
CA TYR D 66 31.87 -48.07 -2.82
C TYR D 66 33.00 -48.37 -1.83
N ASN D 67 32.64 -48.68 -0.59
CA ASN D 67 33.64 -49.03 0.42
C ASN D 67 33.92 -50.53 0.45
N GLN D 68 33.60 -51.20 -0.64
CA GLN D 68 34.01 -52.59 -0.87
C GLN D 68 33.42 -53.56 0.14
N HIS D 69 32.25 -53.23 0.67
CA HIS D 69 31.51 -54.12 1.57
C HIS D 69 30.46 -54.88 0.78
N GLU D 70 30.89 -55.64 -0.22
CA GLU D 70 29.97 -56.25 -1.18
C GLU D 70 29.11 -57.37 -0.58
N ASN D 71 29.54 -57.93 0.54
CA ASN D 71 28.72 -58.92 1.25
C ASN D 71 27.54 -58.23 1.95
N GLU D 72 27.80 -57.05 2.50
CA GLU D 72 26.78 -56.28 3.20
C GLU D 72 25.86 -55.56 2.22
N ALA D 73 26.42 -55.12 1.09
CA ALA D 73 25.66 -54.42 0.07
C ALA D 73 24.58 -55.33 -0.52
N LYS D 74 24.96 -56.56 -0.84
CA LYS D 74 24.01 -57.52 -1.40
C LYS D 74 22.90 -57.83 -0.39
N SER D 75 23.29 -58.04 0.86
CA SER D 75 22.33 -58.32 1.93
C SER D 75 21.40 -57.14 2.19
N PHE D 76 21.94 -55.93 2.13
CA PHE D 76 21.17 -54.71 2.32
C PHE D 76 20.18 -54.55 1.19
N PHE D 77 20.65 -54.75 -0.04
CA PHE D 77 19.80 -54.66 -1.22
C PHE D 77 18.72 -55.73 -1.19
N GLU D 78 19.11 -56.95 -0.86
CA GLU D 78 18.15 -58.07 -0.80
C GLU D 78 17.04 -57.82 0.21
N LYS D 79 17.36 -57.17 1.31
CA LYS D 79 16.41 -57.00 2.40
C LYS D 79 15.39 -55.89 2.15
N PHE D 80 15.82 -54.78 1.54
CA PHE D 80 14.99 -53.58 1.50
C PHE D 80 14.50 -53.14 0.11
N HIS D 81 15.02 -53.75 -0.96
CA HIS D 81 14.65 -53.30 -2.31
C HIS D 81 13.19 -53.64 -2.64
N GLY D 82 12.70 -54.75 -2.11
CA GLY D 82 11.34 -55.21 -2.41
C GLY D 82 10.25 -54.23 -2.01
N ASP D 83 10.41 -53.58 -0.86
CA ASP D 83 9.38 -52.66 -0.36
C ASP D 83 9.51 -51.21 -0.88
N GLN D 84 10.44 -50.95 -1.78
CA GLN D 84 10.47 -49.65 -2.45
C GLN D 84 9.30 -49.59 -3.44
N GLU D 85 8.87 -48.39 -3.81
CA GLU D 85 7.75 -48.21 -4.74
C GLU D 85 7.90 -49.08 -5.98
N CYS D 86 6.78 -49.57 -6.50
CA CYS D 86 6.79 -50.47 -7.64
C CYS D 86 7.44 -49.81 -8.86
N TYR D 87 7.25 -48.51 -9.01
CA TYR D 87 7.81 -47.78 -10.14
C TYR D 87 9.32 -47.52 -10.02
N TYR D 88 9.93 -47.89 -8.90
CA TYR D 88 11.39 -47.82 -8.77
C TYR D 88 12.06 -49.20 -9.01
N GLN D 89 11.26 -50.25 -9.17
CA GLN D 89 11.84 -51.59 -9.25
C GLN D 89 12.71 -51.76 -10.50
N ASP D 90 12.34 -51.10 -11.59
CA ASP D 90 13.17 -51.11 -12.80
C ASP D 90 14.50 -50.41 -12.55
N ASP D 91 14.45 -49.30 -11.82
CA ASP D 91 15.66 -48.52 -11.52
C ASP D 91 16.59 -49.33 -10.61
N LEU D 92 16.01 -50.07 -9.67
CA LEU D 92 16.78 -50.89 -8.75
C LEU D 92 17.50 -52.05 -9.45
N ARG D 93 16.91 -52.58 -10.51
CA ARG D 93 17.55 -53.67 -11.24
C ARG D 93 18.80 -53.18 -11.98
N VAL D 94 18.82 -51.90 -12.35
CA VAL D 94 20.03 -51.28 -12.88
C VAL D 94 21.03 -51.04 -11.76
N LEU D 95 20.56 -50.49 -10.65
CA LEU D 95 21.42 -50.22 -9.49
C LEU D 95 22.14 -51.48 -9.00
N SER D 96 21.47 -52.63 -9.11
CA SER D 96 22.02 -53.89 -8.62
C SER D 96 23.16 -54.42 -9.50
N SER D 97 23.36 -53.82 -10.66
CA SER D 97 24.49 -54.18 -11.52
C SER D 97 25.79 -53.60 -10.96
N LEU D 98 25.66 -52.58 -10.10
CA LEU D 98 26.81 -52.01 -9.40
C LEU D 98 27.08 -52.82 -8.13
N THR D 99 28.08 -53.71 -8.21
CA THR D 99 28.41 -54.63 -7.14
C THR D 99 29.77 -54.33 -6.51
N LYS D 100 30.64 -53.63 -7.25
CA LYS D 100 31.97 -53.30 -6.78
C LYS D 100 32.28 -51.82 -6.94
N LYS D 101 33.20 -51.32 -6.11
CA LYS D 101 33.63 -49.92 -6.20
C LYS D 101 34.07 -49.57 -7.63
N GLU D 102 34.76 -50.50 -8.28
CA GLU D 102 35.27 -50.28 -9.63
C GLU D 102 34.15 -50.09 -10.68
N HIS D 103 32.97 -50.63 -10.39
CA HIS D 103 31.82 -50.46 -11.28
C HIS D 103 31.28 -49.03 -11.24
N MSE D 104 31.55 -48.32 -10.15
CA MSE D 104 31.03 -46.98 -9.97
C MSE D 104 31.96 -45.89 -10.53
O MSE D 104 31.49 -44.86 -11.00
CB MSE D 104 30.80 -46.70 -8.47
CG MSE D 104 29.86 -47.71 -7.82
SE MSE D 104 29.73 -47.48 -5.89
CE MSE D 104 29.07 -45.64 -5.84
N LYS D 105 33.26 -46.15 -10.48
CA LYS D 105 34.26 -45.18 -10.95
C LYS D 105 34.13 -44.89 -12.44
N GLY D 106 34.05 -43.61 -12.79
CA GLY D 106 33.95 -43.18 -14.18
C GLY D 106 32.73 -43.75 -14.88
N ASN D 107 31.60 -43.75 -14.19
CA ASN D 107 30.37 -44.33 -14.72
C ASN D 107 29.25 -43.28 -14.75
N GLU D 108 28.77 -42.98 -15.96
CA GLU D 108 27.74 -41.96 -16.12
C GLU D 108 26.37 -42.42 -15.62
N THR D 109 26.22 -43.72 -15.42
CA THR D 109 25.01 -44.28 -14.83
C THR D 109 24.81 -43.72 -13.42
N MSE D 110 25.92 -43.37 -12.77
CA MSE D 110 25.91 -42.84 -11.41
C MSE D 110 25.16 -41.52 -11.29
O MSE D 110 24.61 -41.21 -10.23
CB MSE D 110 27.35 -42.63 -10.92
CG MSE D 110 28.04 -43.91 -10.53
SE MSE D 110 27.10 -44.85 -9.10
CE MSE D 110 26.84 -43.36 -7.86
N LEU D 111 25.14 -40.73 -12.37
CA LEU D 111 24.49 -39.43 -12.34
C LEU D 111 23.00 -39.55 -12.02
N ASP D 112 22.40 -40.65 -12.47
CA ASP D 112 20.97 -40.89 -12.24
C ASP D 112 20.66 -41.23 -10.79
N PHE D 113 21.63 -41.78 -10.07
CA PHE D 113 21.41 -42.19 -8.68
C PHE D 113 21.95 -41.18 -7.66
N ARG D 114 22.40 -40.03 -8.11
CA ARG D 114 23.02 -39.07 -7.20
C ARG D 114 22.02 -38.56 -6.16
N THR D 115 22.45 -38.58 -4.89
CA THR D 115 21.56 -38.32 -3.77
C THR D 115 20.92 -36.94 -3.83
N SER D 116 21.70 -35.96 -4.31
CA SER D 116 21.26 -34.57 -4.37
C SER D 116 20.19 -34.31 -5.43
N LYS D 117 19.95 -35.30 -6.29
CA LYS D 117 18.94 -35.18 -7.34
C LYS D 117 17.51 -35.22 -6.77
N PHE D 118 17.30 -36.03 -5.74
CA PHE D 118 15.96 -36.24 -5.18
C PHE D 118 15.46 -35.02 -4.39
N VAL D 119 14.38 -34.41 -4.87
CA VAL D 119 13.76 -33.29 -4.17
C VAL D 119 12.79 -33.78 -3.11
N LEU D 120 13.01 -33.37 -1.86
CA LEU D 120 12.18 -33.81 -0.74
C LEU D 120 11.68 -32.61 0.05
N ARG D 121 10.38 -32.60 0.34
CA ARG D 121 9.77 -31.50 1.07
C ARG D 121 8.93 -32.05 2.21
N ILE D 122 9.27 -31.68 3.44
CA ILE D 122 8.54 -32.14 4.62
C ILE D 122 8.32 -30.99 5.60
N SER D 123 7.32 -31.12 6.45
CA SER D 123 6.97 -30.08 7.41
C SER D 123 7.96 -30.03 8.57
N ARG D 124 7.89 -28.95 9.34
CA ARG D 124 8.77 -28.77 10.49
C ARG D 124 8.54 -29.85 11.56
N ASP D 125 7.28 -30.19 11.79
CA ASP D 125 6.94 -31.17 12.82
C ASP D 125 7.42 -32.57 12.43
N SER D 126 7.28 -32.91 11.16
CA SER D 126 7.76 -34.19 10.65
C SER D 126 9.27 -34.27 10.78
N TYR D 127 9.94 -33.17 10.46
CA TYR D 127 11.40 -33.11 10.52
C TYR D 127 11.89 -33.29 11.96
N GLN D 128 11.20 -32.66 12.90
CA GLN D 128 11.57 -32.75 14.32
C GLN D 128 11.40 -34.17 14.86
N LEU D 129 10.31 -34.82 14.48
CA LEU D 129 10.07 -36.21 14.86
C LEU D 129 11.13 -37.12 14.24
N LEU D 130 11.45 -36.88 12.98
CA LEU D 130 12.52 -37.61 12.30
C LEU D 130 13.84 -37.40 13.03
N LYS D 131 14.13 -36.14 13.35
CA LYS D 131 15.37 -35.77 14.02
C LYS D 131 15.52 -36.48 15.36
N ARG D 132 14.47 -36.42 16.19
CA ARG D 132 14.50 -37.10 17.48
C ARG D 132 14.77 -38.59 17.33
N HIS D 133 14.12 -39.23 16.36
CA HIS D 133 14.32 -40.66 16.13
C HIS D 133 15.76 -40.98 15.74
N LEU D 134 16.34 -40.16 14.87
CA LEU D 134 17.68 -40.44 14.36
C LEU D 134 18.79 -40.10 15.35
N GLN D 135 18.43 -39.40 16.43
CA GLN D 135 19.39 -39.02 17.47
C GLN D 135 19.36 -39.96 18.67
N GLU D 136 18.37 -40.85 18.74
CA GLU D 136 18.31 -41.85 19.80
C GLU D 136 19.61 -42.64 19.84
N LYS D 137 19.91 -43.35 18.76
CA LYS D 137 21.18 -44.05 18.62
C LYS D 137 22.30 -43.04 18.43
N GLN D 138 23.49 -43.38 18.91
CA GLN D 138 24.67 -42.58 18.63
C GLN D 138 25.25 -43.00 17.28
N ASN D 139 25.72 -42.04 16.52
CA ASN D 139 26.37 -42.30 15.23
C ASN D 139 25.45 -43.02 14.24
N ASN D 140 24.17 -42.68 14.24
CA ASN D 140 23.23 -43.21 13.26
C ASN D 140 23.53 -42.61 11.90
N GLN D 141 24.05 -43.43 10.98
CA GLN D 141 24.51 -42.96 9.69
C GLN D 141 23.44 -42.24 8.89
N ILE D 142 22.17 -42.61 9.06
CA ILE D 142 21.08 -41.95 8.35
C ILE D 142 21.02 -40.47 8.70
N TRP D 143 21.27 -40.14 9.96
CA TRP D 143 21.31 -38.75 10.40
C TRP D 143 22.40 -37.97 9.66
N ASN D 144 23.55 -38.61 9.44
CA ASN D 144 24.64 -38.01 8.68
C ASN D 144 24.28 -37.87 7.20
N ILE D 145 23.56 -38.85 6.67
CA ILE D 145 23.09 -38.78 5.29
C ILE D 145 22.05 -37.68 5.13
N VAL D 146 21.14 -37.57 6.10
CA VAL D 146 20.10 -36.55 6.08
C VAL D 146 20.67 -35.14 6.19
N GLN D 147 21.78 -35.00 6.89
CA GLN D 147 22.42 -33.70 7.08
C GLN D 147 23.32 -33.29 5.91
N GLU D 148 24.14 -34.23 5.45
CA GLU D 148 25.27 -33.90 4.57
C GLU D 148 25.02 -34.19 3.09
N HIS D 149 23.95 -34.91 2.76
CA HIS D 149 23.73 -35.35 1.38
C HIS D 149 22.32 -35.12 0.83
N LEU D 150 21.31 -35.19 1.69
CA LEU D 150 19.92 -35.12 1.23
C LEU D 150 19.43 -33.69 0.99
N TYR D 151 18.65 -33.53 -0.08
CA TYR D 151 18.06 -32.26 -0.46
C TYR D 151 16.67 -32.11 0.17
N ILE D 152 16.63 -31.56 1.38
CA ILE D 152 15.36 -31.41 2.11
C ILE D 152 15.16 -29.97 2.59
N ASP D 153 14.07 -29.34 2.14
CA ASP D 153 13.69 -28.04 2.66
C ASP D 153 12.47 -28.19 3.57
N ILE D 154 12.54 -27.54 4.72
CA ILE D 154 11.51 -27.68 5.74
C ILE D 154 10.49 -26.55 5.63
N PHE D 155 9.22 -26.88 5.80
CA PHE D 155 8.15 -25.90 5.81
C PHE D 155 7.55 -25.77 7.20
N ASP D 156 7.14 -24.55 7.54
CA ASP D 156 6.48 -24.30 8.82
C ASP D 156 5.03 -23.94 8.60
N PRO E 9 -19.00 64.60 23.15
CA PRO E 9 -20.20 65.35 22.84
C PRO E 9 -21.47 64.60 23.22
N ASP E 10 -22.62 65.24 23.03
CA ASP E 10 -23.91 64.62 23.32
C ASP E 10 -24.23 63.60 22.24
N VAL E 11 -25.02 62.58 22.59
CA VAL E 11 -25.39 61.55 21.65
C VAL E 11 -26.15 62.15 20.47
N SER E 12 -27.03 63.11 20.76
CA SER E 12 -27.79 63.81 19.72
C SER E 12 -26.87 64.48 18.71
N ALA E 13 -25.74 64.99 19.19
CA ALA E 13 -24.76 65.63 18.31
C ALA E 13 -24.11 64.59 17.38
N VAL E 14 -23.83 63.40 17.92
CA VAL E 14 -23.17 62.37 17.12
C VAL E 14 -24.14 61.78 16.11
N LEU E 15 -25.43 61.77 16.44
CA LEU E 15 -26.45 61.18 15.57
C LEU E 15 -26.79 62.05 14.37
N SER E 16 -26.52 63.35 14.48
CA SER E 16 -26.77 64.28 13.39
C SER E 16 -25.91 63.98 12.16
N ALA E 17 -24.79 63.28 12.39
CA ALA E 17 -23.86 62.94 11.31
C ALA E 17 -24.41 61.87 10.37
N TYR E 18 -25.54 61.24 10.73
CA TYR E 18 -26.10 60.14 9.94
C TYR E 18 -27.35 60.53 9.16
N ASN E 19 -27.65 61.82 9.08
CA ASN E 19 -28.87 62.29 8.43
C ASN E 19 -28.80 62.27 6.91
N GLN E 20 -27.74 62.86 6.35
CA GLN E 20 -27.61 63.01 4.91
C GLN E 20 -27.12 61.72 4.26
N GLN E 21 -28.02 60.74 4.16
CA GLN E 21 -27.72 59.45 3.54
C GLN E 21 -27.57 59.56 2.03
N GLY E 22 -26.96 58.54 1.43
CA GLY E 22 -26.92 58.41 -0.02
C GLY E 22 -27.90 57.33 -0.45
N ASP E 23 -27.68 56.76 -1.63
CA ASP E 23 -28.51 55.66 -2.11
C ASP E 23 -28.09 54.37 -1.38
N PRO E 24 -28.96 53.83 -0.52
CA PRO E 24 -28.61 52.70 0.32
C PRO E 24 -28.27 51.44 -0.46
N THR E 25 -28.83 51.31 -1.66
CA THR E 25 -28.60 50.14 -2.51
C THR E 25 -27.21 50.11 -3.12
N MSE E 26 -26.48 51.22 -2.98
CA MSE E 26 -25.17 51.36 -3.60
C MSE E 26 -24.03 51.34 -2.59
O MSE E 26 -22.86 51.37 -2.98
CB MSE E 26 -25.12 52.67 -4.40
CG MSE E 26 -25.92 52.61 -5.68
SE MSE E 26 -25.20 51.30 -6.93
CE MSE E 26 -23.59 52.27 -7.49
N TYR E 27 -24.35 51.27 -1.31
CA TYR E 27 -23.33 51.34 -0.25
C TYR E 27 -22.28 50.23 -0.37
N GLU E 28 -22.74 49.01 -0.65
CA GLU E 28 -21.83 47.87 -0.80
C GLU E 28 -20.91 48.07 -2.00
N GLU E 29 -21.46 48.64 -3.07
CA GLU E 29 -20.66 48.92 -4.28
C GLU E 29 -19.59 49.96 -3.99
N TYR E 30 -19.94 51.02 -3.28
CA TYR E 30 -18.97 52.07 -2.97
C TYR E 30 -17.83 51.50 -2.13
N TYR E 31 -18.17 50.72 -1.12
CA TYR E 31 -17.18 50.18 -0.19
C TYR E 31 -16.33 49.09 -0.84
N SER E 32 -16.98 48.23 -1.62
CA SER E 32 -16.26 47.24 -2.43
C SER E 32 -15.23 47.90 -3.33
N GLY E 33 -15.68 48.94 -4.03
CA GLY E 33 -14.82 49.68 -4.96
C GLY E 33 -13.61 50.26 -4.25
N LEU E 34 -13.85 50.87 -3.08
CA LEU E 34 -12.78 51.43 -2.27
C LEU E 34 -11.82 50.34 -1.78
N LYS E 35 -12.37 49.24 -1.27
CA LYS E 35 -11.55 48.11 -0.84
C LYS E 35 -10.62 47.62 -1.95
N HIS E 36 -11.17 47.44 -3.15
CA HIS E 36 -10.38 47.00 -4.31
C HIS E 36 -9.30 48.04 -4.65
N PHE E 37 -9.69 49.31 -4.61
CA PHE E 37 -8.75 50.39 -4.91
C PHE E 37 -7.59 50.45 -3.91
N ILE E 38 -7.91 50.37 -2.63
CA ILE E 38 -6.89 50.44 -1.58
C ILE E 38 -5.96 49.23 -1.62
N GLU E 39 -6.55 48.05 -1.78
CA GLU E 39 -5.78 46.82 -1.74
C GLU E 39 -4.84 46.68 -2.95
N CYS E 40 -5.19 47.33 -4.06
CA CYS E 40 -4.32 47.31 -5.24
C CYS E 40 -3.31 48.47 -5.27
N SER E 41 -3.35 49.35 -4.27
CA SER E 41 -2.49 50.53 -4.30
C SER E 41 -1.05 50.18 -3.91
N LEU E 42 -0.14 51.12 -4.16
CA LEU E 42 1.24 50.99 -3.72
C LEU E 42 1.23 50.65 -2.23
N ASP E 43 2.17 49.83 -1.77
CA ASP E 43 2.14 49.33 -0.39
C ASP E 43 1.98 50.46 0.64
N CYS E 44 2.81 51.50 0.55
CA CYS E 44 2.78 52.58 1.53
C CYS E 44 1.44 53.33 1.50
N HIS E 45 0.84 53.45 0.33
CA HIS E 45 -0.48 54.05 0.22
C HIS E 45 -1.53 53.14 0.86
N ARG E 46 -1.42 51.83 0.59
CA ARG E 46 -2.34 50.86 1.17
C ARG E 46 -2.28 50.88 2.70
N ALA E 47 -1.08 50.99 3.25
CA ALA E 47 -0.90 51.03 4.69
C ALA E 47 -1.65 52.22 5.31
N GLU E 48 -1.49 53.39 4.70
CA GLU E 48 -2.11 54.62 5.18
C GLU E 48 -3.62 54.67 4.96
N LEU E 49 -4.05 54.31 3.75
CA LEU E 49 -5.47 54.38 3.40
C LEU E 49 -6.31 53.33 4.11
N SER E 50 -5.68 52.25 4.55
CA SER E 50 -6.37 51.20 5.29
C SER E 50 -6.93 51.69 6.64
N GLN E 51 -6.42 52.81 7.14
CA GLN E 51 -7.00 53.48 8.32
C GLN E 51 -8.47 53.82 8.10
N LEU E 52 -8.85 54.03 6.85
CA LEU E 52 -10.21 54.45 6.52
C LEU E 52 -11.25 53.35 6.68
N PHE E 53 -10.81 52.10 6.62
CA PHE E 53 -11.75 50.98 6.51
C PHE E 53 -12.73 50.94 7.66
N TYR E 54 -12.23 50.98 8.90
CA TYR E 54 -13.10 50.84 10.05
C TYR E 54 -14.03 52.05 10.26
N PRO E 55 -13.47 53.27 10.31
CA PRO E 55 -14.36 54.43 10.49
C PRO E 55 -15.43 54.55 9.40
N LEU E 56 -15.08 54.18 8.18
CA LEU E 56 -16.03 54.28 7.07
C LEU E 56 -17.08 53.19 7.18
N PHE E 57 -16.66 51.96 7.49
CA PHE E 57 -17.59 50.86 7.69
C PHE E 57 -18.62 51.19 8.77
N VAL E 58 -18.15 51.73 9.89
CA VAL E 58 -19.02 52.04 11.02
C VAL E 58 -20.02 53.13 10.66
N HIS E 59 -19.54 54.20 10.07
CA HIS E 59 -20.41 55.32 9.67
C HIS E 59 -21.47 54.87 8.67
N MSE E 60 -21.07 54.09 7.68
CA MSE E 60 -22.00 53.63 6.65
C MSE E 60 -23.04 52.67 7.21
O MSE E 60 -24.22 52.77 6.89
CB MSE E 60 -21.24 53.00 5.48
CG MSE E 60 -20.46 54.03 4.69
SE MSE E 60 -19.40 53.26 3.26
CE MSE E 60 -20.78 53.02 1.91
N TYR E 61 -22.61 51.74 8.05
CA TYR E 61 -23.55 50.83 8.69
C TYR E 61 -24.60 51.60 9.51
N LEU E 62 -24.10 52.52 10.34
CA LEU E 62 -24.98 53.30 11.21
C LEU E 62 -25.88 54.25 10.42
N GLU E 63 -25.37 54.76 9.30
CA GLU E 63 -26.16 55.61 8.42
C GLU E 63 -27.33 54.82 7.86
N LEU E 64 -27.07 53.57 7.49
CA LEU E 64 -28.11 52.69 6.98
C LEU E 64 -29.15 52.38 8.06
N VAL E 65 -28.68 52.04 9.26
CA VAL E 65 -29.58 51.74 10.37
C VAL E 65 -30.41 52.96 10.75
N TYR E 66 -29.74 54.10 10.92
CA TYR E 66 -30.40 55.33 11.38
C TYR E 66 -31.51 55.77 10.44
N ASN E 67 -31.32 55.52 9.15
CA ASN E 67 -32.30 55.91 8.14
C ASN E 67 -33.24 54.76 7.81
N GLN E 68 -33.27 53.77 8.69
CA GLN E 68 -34.23 52.68 8.65
C GLN E 68 -34.12 51.81 7.41
N HIS E 69 -32.91 51.70 6.88
CA HIS E 69 -32.62 50.76 5.80
C HIS E 69 -32.02 49.52 6.44
N GLU E 70 -32.87 48.74 7.12
CA GLU E 70 -32.43 47.69 8.03
C GLU E 70 -31.94 46.42 7.33
N ASN E 71 -32.59 46.04 6.23
CA ASN E 71 -32.11 44.94 5.40
C ASN E 71 -30.73 45.25 4.82
N GLU E 72 -30.60 46.45 4.26
CA GLU E 72 -29.35 46.90 3.67
C GLU E 72 -28.24 46.96 4.71
N ALA E 73 -28.63 47.33 5.93
CA ALA E 73 -27.69 47.43 7.04
C ALA E 73 -27.06 46.08 7.36
N LYS E 74 -27.90 45.07 7.55
CA LYS E 74 -27.42 43.74 7.90
C LYS E 74 -26.54 43.17 6.79
N SER E 75 -26.99 43.33 5.55
CA SER E 75 -26.26 42.82 4.40
C SER E 75 -24.88 43.49 4.31
N PHE E 76 -24.84 44.80 4.51
CA PHE E 76 -23.59 45.55 4.54
C PHE E 76 -22.68 45.01 5.63
N PHE E 77 -23.21 44.87 6.83
CA PHE E 77 -22.42 44.38 7.96
C PHE E 77 -21.84 43.01 7.65
N GLU E 78 -22.70 42.09 7.23
CA GLU E 78 -22.30 40.73 7.01
C GLU E 78 -21.22 40.63 5.94
N LYS E 79 -21.29 41.50 4.94
CA LYS E 79 -20.34 41.46 3.84
C LYS E 79 -18.95 41.98 4.22
N PHE E 80 -18.87 43.01 5.07
CA PHE E 80 -17.59 43.69 5.30
C PHE E 80 -17.02 43.64 6.72
N HIS E 81 -17.75 43.09 7.68
CA HIS E 81 -17.25 43.11 9.06
C HIS E 81 -16.01 42.23 9.25
N GLY E 82 -15.94 41.15 8.47
CA GLY E 82 -14.89 40.14 8.65
C GLY E 82 -13.49 40.60 8.31
N ASP E 83 -13.36 41.53 7.39
CA ASP E 83 -12.04 41.99 6.95
C ASP E 83 -11.54 43.23 7.70
N GLN E 84 -12.28 43.67 8.71
CA GLN E 84 -11.78 44.75 9.57
C GLN E 84 -10.67 44.18 10.42
N GLU E 85 -9.81 45.04 10.93
CA GLU E 85 -8.70 44.60 11.79
C GLU E 85 -9.23 43.73 12.91
N CYS E 86 -8.45 42.74 13.32
CA CYS E 86 -8.88 41.74 14.29
C CYS E 86 -9.19 42.35 15.65
N TYR E 87 -8.49 43.42 16.00
CA TYR E 87 -8.72 44.07 17.29
C TYR E 87 -10.03 44.87 17.34
N TYR E 88 -10.74 44.99 16.23
CA TYR E 88 -12.05 45.63 16.20
C TYR E 88 -13.21 44.65 16.32
N GLN E 89 -12.91 43.35 16.36
CA GLN E 89 -13.97 42.36 16.28
C GLN E 89 -14.86 42.39 17.53
N ASP E 90 -14.29 42.72 18.69
CA ASP E 90 -15.12 42.87 19.89
C ASP E 90 -16.06 44.07 19.77
N ASP E 91 -15.56 45.17 19.19
CA ASP E 91 -16.39 46.34 18.96
C ASP E 91 -17.49 46.06 17.94
N LEU E 92 -17.17 45.26 16.92
CA LEU E 92 -18.13 44.97 15.86
C LEU E 92 -19.30 44.13 16.35
N ARG E 93 -19.06 43.33 17.39
CA ARG E 93 -20.13 42.56 18.02
C ARG E 93 -21.10 43.50 18.72
N VAL E 94 -20.56 44.51 19.41
CA VAL E 94 -21.38 45.56 20.03
C VAL E 94 -22.15 46.32 18.95
N LEU E 95 -21.47 46.66 17.86
CA LEU E 95 -22.09 47.40 16.75
C LEU E 95 -23.24 46.61 16.11
N SER E 96 -23.10 45.29 16.03
CA SER E 96 -24.12 44.45 15.41
C SER E 96 -25.44 44.39 16.20
N SER E 97 -25.40 44.81 17.47
CA SER E 97 -26.62 44.85 18.28
C SER E 97 -27.45 46.12 18.06
N LEU E 98 -26.85 47.12 17.42
CA LEU E 98 -27.59 48.31 16.98
C LEU E 98 -28.11 48.07 15.58
N THR E 99 -29.37 47.69 15.48
CA THR E 99 -29.98 47.34 14.19
C THR E 99 -31.23 48.16 13.86
N LYS E 100 -31.63 49.02 14.80
CA LYS E 100 -32.77 49.90 14.59
C LYS E 100 -32.43 51.30 15.07
N LYS E 101 -33.08 52.29 14.48
CA LYS E 101 -32.90 53.68 14.88
C LYS E 101 -33.11 53.87 16.37
N GLU E 102 -34.09 53.17 16.93
CA GLU E 102 -34.42 53.31 18.35
C GLU E 102 -33.33 52.78 19.27
N HIS E 103 -32.50 51.87 18.76
CA HIS E 103 -31.36 51.37 19.52
C HIS E 103 -30.27 52.43 19.66
N MSE E 104 -30.25 53.40 18.74
CA MSE E 104 -29.20 54.41 18.69
C MSE E 104 -29.56 55.65 19.51
O MSE E 104 -28.71 56.25 20.16
CB MSE E 104 -28.92 54.81 17.25
CG MSE E 104 -28.50 53.64 16.35
SE MSE E 104 -28.42 54.14 14.46
CE MSE E 104 -27.06 55.52 14.57
N LYS E 105 -30.84 56.04 19.46
CA LYS E 105 -31.31 57.23 20.16
C LYS E 105 -31.05 57.15 21.65
N GLY E 106 -30.31 58.13 22.17
CA GLY E 106 -30.05 58.23 23.61
C GLY E 106 -29.10 57.19 24.16
N ASN E 107 -28.38 56.50 23.27
CA ASN E 107 -27.50 55.41 23.66
C ASN E 107 -26.04 55.84 23.66
N GLU E 108 -25.41 55.85 24.84
CA GLU E 108 -24.04 56.34 24.97
C GLU E 108 -22.99 55.40 24.36
N THR E 109 -23.42 54.20 23.98
CA THR E 109 -22.60 53.32 23.13
C THR E 109 -22.18 54.06 21.86
N MSE E 110 -23.06 54.93 21.37
CA MSE E 110 -22.80 55.69 20.16
C MSE E 110 -21.52 56.52 20.26
O MSE E 110 -20.89 56.81 19.24
CB MSE E 110 -23.99 56.59 19.84
CG MSE E 110 -25.21 55.85 19.34
SE MSE E 110 -24.83 54.79 17.73
CE MSE E 110 -24.10 56.22 16.60
N LEU E 111 -21.15 56.92 21.48
CA LEU E 111 -19.93 57.71 21.69
C LEU E 111 -18.68 56.93 21.30
N ASP E 112 -18.73 55.60 21.43
CA ASP E 112 -17.61 54.76 21.03
C ASP E 112 -17.47 54.62 19.51
N PHE E 113 -18.52 54.97 18.78
CA PHE E 113 -18.54 54.77 17.32
C PHE E 113 -18.62 56.05 16.51
N ARG E 114 -18.65 57.19 17.20
CA ARG E 114 -18.83 58.46 16.51
C ARG E 114 -17.69 58.66 15.52
N THR E 115 -18.05 59.04 14.30
CA THR E 115 -17.11 59.11 13.20
C THR E 115 -15.94 60.06 13.49
N SER E 116 -16.21 61.09 14.28
CA SER E 116 -15.24 62.15 14.52
C SER E 116 -14.11 61.75 15.47
N LYS E 117 -14.29 60.66 16.22
CA LYS E 117 -13.27 60.21 17.17
C LYS E 117 -12.05 59.61 16.47
N PHE E 118 -12.25 59.09 15.26
CA PHE E 118 -11.20 58.37 14.55
C PHE E 118 -10.29 59.32 13.77
N VAL E 119 -9.10 59.55 14.32
CA VAL E 119 -8.15 60.50 13.76
C VAL E 119 -7.42 59.88 12.57
N LEU E 120 -7.59 60.49 11.40
CA LEU E 120 -7.00 59.95 10.17
C LEU E 120 -5.96 60.89 9.57
N ARG E 121 -4.75 60.36 9.38
CA ARG E 121 -3.61 61.14 8.89
C ARG E 121 -2.99 60.45 7.69
N ILE E 122 -3.06 61.07 6.52
CA ILE E 122 -2.47 60.48 5.32
C ILE E 122 -1.62 61.47 4.52
N SER E 123 -0.80 60.93 3.64
CA SER E 123 0.08 61.72 2.79
C SER E 123 -0.71 62.32 1.62
N ARG E 124 -0.15 63.35 1.01
CA ARG E 124 -0.82 64.07 -0.07
C ARG E 124 -1.03 63.18 -1.30
N ASP E 125 -0.01 62.43 -1.68
CA ASP E 125 -0.12 61.47 -2.78
C ASP E 125 -1.32 60.54 -2.56
N SER E 126 -1.42 60.01 -1.34
CA SER E 126 -2.48 59.07 -1.01
C SER E 126 -3.84 59.73 -1.13
N TYR E 127 -3.96 60.93 -0.58
CA TYR E 127 -5.20 61.66 -0.66
C TYR E 127 -5.60 61.93 -2.11
N GLN E 128 -4.63 62.30 -2.93
CA GLN E 128 -4.89 62.61 -4.33
C GLN E 128 -5.43 61.39 -5.08
N LEU E 129 -4.84 60.23 -4.81
CA LEU E 129 -5.31 58.99 -5.40
C LEU E 129 -6.70 58.63 -4.88
N LEU E 130 -6.92 58.79 -3.58
CA LEU E 130 -8.22 58.50 -2.97
C LEU E 130 -9.31 59.40 -3.53
N LYS E 131 -9.04 60.70 -3.57
CA LYS E 131 -9.97 61.68 -4.12
C LYS E 131 -10.34 61.36 -5.58
N ARG E 132 -9.34 61.00 -6.38
CA ARG E 132 -9.59 60.66 -7.77
C ARG E 132 -10.47 59.42 -7.88
N HIS E 133 -10.17 58.40 -7.09
CA HIS E 133 -11.00 57.19 -7.06
C HIS E 133 -12.44 57.49 -6.67
N LEU E 134 -12.61 58.32 -5.65
CA LEU E 134 -13.94 58.60 -5.11
C LEU E 134 -14.75 59.56 -5.99
N GLN E 135 -14.09 60.23 -6.94
CA GLN E 135 -14.77 61.17 -7.83
C GLN E 135 -15.18 60.55 -9.15
N GLU E 136 -14.76 59.31 -9.41
CA GLU E 136 -15.00 58.69 -10.70
C GLU E 136 -16.45 58.25 -10.89
N LYS E 137 -17.07 57.74 -9.82
CA LYS E 137 -18.50 57.44 -9.84
C LYS E 137 -19.27 58.68 -9.41
N GLN E 138 -20.42 58.89 -10.03
CA GLN E 138 -21.32 59.99 -9.65
C GLN E 138 -22.00 59.69 -8.32
N ASN E 139 -22.01 60.67 -7.43
CA ASN E 139 -22.71 60.57 -6.14
C ASN E 139 -22.17 59.48 -5.21
N ASN E 140 -20.88 59.16 -5.32
CA ASN E 140 -20.26 58.21 -4.41
C ASN E 140 -20.36 58.75 -2.97
N GLN E 141 -21.14 58.06 -2.15
CA GLN E 141 -21.46 58.52 -0.80
C GLN E 141 -20.22 58.58 0.09
N ILE E 142 -19.25 57.72 -0.18
CA ILE E 142 -18.00 57.76 0.59
C ILE E 142 -17.30 59.10 0.43
N TRP E 143 -17.41 59.71 -0.75
CA TRP E 143 -16.85 61.04 -0.98
C TRP E 143 -17.53 62.09 -0.11
N ASN E 144 -18.84 61.98 0.04
CA ASN E 144 -19.61 62.86 0.91
C ASN E 144 -19.17 62.68 2.36
N ILE E 145 -19.02 61.42 2.77
CA ILE E 145 -18.59 61.10 4.12
C ILE E 145 -17.18 61.62 4.41
N VAL E 146 -16.29 61.50 3.44
CA VAL E 146 -14.91 61.97 3.61
C VAL E 146 -14.87 63.49 3.75
N GLN E 147 -15.70 64.17 2.97
CA GLN E 147 -15.76 65.62 2.96
C GLN E 147 -16.40 66.21 4.22
N GLU E 148 -17.36 65.49 4.80
CA GLU E 148 -18.21 66.06 5.85
C GLU E 148 -18.00 65.48 7.25
N HIS E 149 -17.67 64.20 7.36
CA HIS E 149 -17.71 63.52 8.65
C HIS E 149 -16.38 62.97 9.15
N LEU E 150 -15.49 62.58 8.24
CA LEU E 150 -14.19 62.03 8.64
C LEU E 150 -13.27 63.10 9.24
N TYR E 151 -12.63 62.75 10.35
CA TYR E 151 -11.60 63.60 10.95
C TYR E 151 -10.29 63.28 10.26
N ILE E 152 -10.01 63.99 9.18
CA ILE E 152 -8.93 63.61 8.26
C ILE E 152 -8.00 64.80 7.99
N ASP E 153 -6.69 64.57 8.18
CA ASP E 153 -5.68 65.59 7.97
C ASP E 153 -4.61 65.11 6.98
N ILE E 154 -4.21 66.01 6.08
CA ILE E 154 -3.31 65.66 4.98
C ILE E 154 -1.92 66.22 5.23
N PHE E 155 -0.90 65.47 4.80
CA PHE E 155 0.48 65.87 5.07
C PHE E 155 1.40 65.64 3.87
N ASP E 156 2.55 66.30 3.91
CA ASP E 156 3.51 66.25 2.82
C ASP E 156 4.87 65.72 3.30
N VAL F 11 23.85 54.63 -0.95
CA VAL F 11 23.90 53.34 -0.23
C VAL F 11 24.65 53.47 1.10
N SER F 12 25.85 54.05 1.05
CA SER F 12 26.66 54.23 2.25
C SER F 12 25.88 54.98 3.32
N ALA F 13 25.15 56.01 2.90
CA ALA F 13 24.30 56.77 3.81
C ALA F 13 23.25 55.87 4.45
N VAL F 14 22.66 54.98 3.67
CA VAL F 14 21.65 54.03 4.15
C VAL F 14 22.26 53.05 5.16
N LEU F 15 23.47 52.58 4.88
CA LEU F 15 24.13 51.58 5.71
C LEU F 15 24.65 52.15 7.03
N SER F 16 24.78 53.47 7.10
CA SER F 16 25.21 54.11 8.34
C SER F 16 24.14 53.96 9.43
N ALA F 17 22.92 53.63 9.03
CA ALA F 17 21.81 53.42 9.96
C ALA F 17 22.03 52.21 10.87
N TYR F 18 22.88 51.29 10.43
CA TYR F 18 23.13 50.06 11.18
C TYR F 18 24.46 50.10 11.93
N ASN F 19 24.95 51.31 12.22
CA ASN F 19 26.27 51.48 12.83
C ASN F 19 26.25 51.39 14.36
N GLN F 20 25.08 51.54 14.96
CA GLN F 20 24.94 51.53 16.42
C GLN F 20 24.10 50.34 16.88
N GLN F 21 24.67 49.13 16.76
CA GLN F 21 23.94 47.90 17.08
C GLN F 21 23.72 47.70 18.58
N GLY F 22 22.92 46.69 18.92
CA GLY F 22 22.71 46.29 20.30
C GLY F 22 23.15 44.86 20.50
N ASP F 23 22.73 44.25 21.61
CA ASP F 23 23.02 42.83 21.84
C ASP F 23 22.14 42.00 20.92
N PRO F 24 22.74 41.33 19.93
CA PRO F 24 21.98 40.61 18.91
C PRO F 24 21.17 39.45 19.46
N THR F 25 21.64 38.83 20.54
CA THR F 25 20.96 37.70 21.17
C THR F 25 19.62 38.09 21.81
N MSE F 26 19.41 39.38 21.99
CA MSE F 26 18.18 39.89 22.59
C MSE F 26 17.18 40.47 21.57
O MSE F 26 16.10 40.90 21.95
CB MSE F 26 18.53 40.98 23.61
CG MSE F 26 19.20 40.47 24.86
SE MSE F 26 18.00 39.36 25.93
CE MSE F 26 16.72 40.75 26.50
N TYR F 27 17.55 40.50 20.30
CA TYR F 27 16.70 41.13 19.28
C TYR F 27 15.31 40.52 19.21
N GLU F 28 15.23 39.20 19.25
CA GLU F 28 13.93 38.53 19.22
C GLU F 28 13.11 38.86 20.46
N GLU F 29 13.80 38.98 21.60
CA GLU F 29 13.15 39.36 22.85
C GLU F 29 12.56 40.77 22.79
N TYR F 30 13.34 41.74 22.29
CA TYR F 30 12.84 43.12 22.17
C TYR F 30 11.61 43.17 21.27
N TYR F 31 11.64 42.41 20.18
CA TYR F 31 10.58 42.46 19.19
C TYR F 31 9.31 41.73 19.65
N SER F 32 9.49 40.57 20.29
CA SER F 32 8.37 39.85 20.91
C SER F 32 7.71 40.71 21.98
N GLY F 33 8.52 41.34 22.82
CA GLY F 33 8.03 42.24 23.86
C GLY F 33 7.24 43.41 23.31
N LEU F 34 7.66 43.92 22.16
CA LEU F 34 6.97 45.06 21.54
C LEU F 34 5.63 44.62 20.98
N LYS F 35 5.65 43.48 20.32
CA LYS F 35 4.45 42.88 19.75
C LYS F 35 3.40 42.65 20.83
N HIS F 36 3.81 42.12 21.98
CA HIS F 36 2.89 41.87 23.09
C HIS F 36 2.34 43.17 23.65
N PHE F 37 3.22 44.15 23.85
CA PHE F 37 2.80 45.47 24.31
C PHE F 37 1.76 46.10 23.36
N ILE F 38 2.03 46.07 22.06
CA ILE F 38 1.14 46.68 21.10
C ILE F 38 -0.18 45.92 21.01
N GLU F 39 -0.11 44.59 21.01
CA GLU F 39 -1.30 43.76 20.85
C GLU F 39 -2.27 43.86 22.05
N CYS F 40 -1.74 44.18 23.22
CA CYS F 40 -2.57 44.37 24.41
C CYS F 40 -3.00 45.81 24.62
N SER F 41 -2.59 46.72 23.73
CA SER F 41 -2.93 48.13 23.84
C SER F 41 -4.38 48.40 23.43
N LEU F 42 -4.91 49.54 23.86
CA LEU F 42 -6.22 49.98 23.38
C LEU F 42 -6.19 50.13 21.88
N ASP F 43 -7.34 49.91 21.24
CA ASP F 43 -7.43 49.91 19.77
C ASP F 43 -6.73 51.12 19.14
N CYS F 44 -7.06 52.32 19.62
CA CYS F 44 -6.53 53.53 19.02
C CYS F 44 -5.01 53.60 19.07
N HIS F 45 -4.43 53.05 20.15
CA HIS F 45 -2.98 53.02 20.28
C HIS F 45 -2.36 51.89 19.44
N ARG F 46 -3.07 50.78 19.36
CA ARG F 46 -2.61 49.64 18.57
C ARG F 46 -2.63 49.95 17.07
N ALA F 47 -3.66 50.67 16.61
CA ALA F 47 -3.73 51.06 15.21
C ALA F 47 -2.53 51.91 14.80
N GLU F 48 -2.17 52.89 15.62
CA GLU F 48 -1.03 53.76 15.34
C GLU F 48 0.31 53.04 15.48
N LEU F 49 0.49 52.33 16.59
CA LEU F 49 1.79 51.73 16.89
C LEU F 49 2.12 50.54 15.99
N SER F 50 1.09 49.90 15.44
CA SER F 50 1.29 48.75 14.54
C SER F 50 2.08 49.11 13.29
N GLN F 51 2.10 50.38 12.92
CA GLN F 51 2.83 50.81 11.72
C GLN F 51 4.35 50.74 11.90
N LEU F 52 4.79 50.47 13.12
CA LEU F 52 6.21 50.25 13.40
C LEU F 52 6.70 48.84 13.08
N PHE F 53 5.79 47.87 13.03
CA PHE F 53 6.17 46.46 12.92
C PHE F 53 7.10 46.18 11.74
N TYR F 54 6.69 46.59 10.54
CA TYR F 54 7.46 46.28 9.35
C TYR F 54 8.78 47.07 9.30
N PRO F 55 8.73 48.40 9.46
CA PRO F 55 9.98 49.18 9.49
C PRO F 55 10.99 48.66 10.52
N LEU F 56 10.53 48.33 11.72
CA LEU F 56 11.42 47.77 12.75
C LEU F 56 11.93 46.39 12.38
N PHE F 57 11.06 45.53 11.88
CA PHE F 57 11.48 44.22 11.43
C PHE F 57 12.60 44.32 10.40
N VAL F 58 12.37 45.14 9.38
CA VAL F 58 13.35 45.31 8.31
C VAL F 58 14.68 45.88 8.85
N HIS F 59 14.60 46.94 9.65
CA HIS F 59 15.81 47.54 10.19
C HIS F 59 16.60 46.55 11.04
N MSE F 60 15.92 45.92 11.98
CA MSE F 60 16.58 44.99 12.90
C MSE F 60 17.18 43.80 12.16
O MSE F 60 18.27 43.34 12.51
CB MSE F 60 15.62 44.53 13.99
CG MSE F 60 15.23 45.64 14.95
SE MSE F 60 13.90 45.10 16.26
CE MSE F 60 15.03 44.02 17.45
N TYR F 61 16.48 43.30 11.15
CA TYR F 61 17.01 42.19 10.35
C TYR F 61 18.33 42.59 9.68
N LEU F 62 18.32 43.71 8.97
CA LEU F 62 19.48 44.18 8.25
C LEU F 62 20.58 44.64 9.19
N GLU F 63 20.21 45.14 10.36
CA GLU F 63 21.19 45.53 11.36
C GLU F 63 21.95 44.29 11.83
N LEU F 64 21.25 43.17 11.96
CA LEU F 64 21.87 41.90 12.33
C LEU F 64 22.77 41.39 11.22
N VAL F 65 22.34 41.52 9.97
CA VAL F 65 23.12 41.06 8.83
C VAL F 65 24.38 41.90 8.63
N TYR F 66 24.22 43.23 8.66
CA TYR F 66 25.33 44.14 8.44
C TYR F 66 26.41 43.97 9.51
N ASN F 67 25.99 43.69 10.74
CA ASN F 67 26.93 43.45 11.84
C ASN F 67 27.34 41.98 11.93
N GLN F 68 27.06 41.24 10.85
CA GLN F 68 27.62 39.90 10.61
C GLN F 68 27.13 38.82 11.57
N HIS F 69 25.93 39.01 12.12
CA HIS F 69 25.31 37.99 12.95
C HIS F 69 24.35 37.15 12.08
N GLU F 70 24.94 36.25 11.30
CA GLU F 70 24.21 35.52 10.26
C GLU F 70 23.16 34.55 10.81
N ASN F 71 23.50 33.85 11.89
CA ASN F 71 22.58 32.92 12.52
C ASN F 71 21.41 33.66 13.16
N GLU F 72 21.72 34.79 13.79
CA GLU F 72 20.73 35.58 14.50
C GLU F 72 19.73 36.21 13.53
N ALA F 73 20.23 36.71 12.41
CA ALA F 73 19.39 37.33 11.38
C ALA F 73 18.42 36.31 10.80
N LYS F 74 18.92 35.13 10.47
CA LYS F 74 18.11 34.07 9.89
C LYS F 74 16.98 33.67 10.83
N SER F 75 17.33 33.41 12.10
CA SER F 75 16.35 33.01 13.10
C SER F 75 15.30 34.10 13.33
N PHE F 76 15.75 35.34 13.36
CA PHE F 76 14.88 36.52 13.55
C PHE F 76 13.89 36.65 12.40
N PHE F 77 14.38 36.51 11.18
CA PHE F 77 13.53 36.54 10.01
C PHE F 77 12.51 35.41 10.04
N GLU F 78 12.96 34.21 10.37
CA GLU F 78 12.07 33.05 10.40
C GLU F 78 10.93 33.25 11.38
N LYS F 79 11.22 33.86 12.53
CA LYS F 79 10.22 34.01 13.58
C LYS F 79 9.15 35.07 13.29
N PHE F 80 9.55 36.21 12.73
CA PHE F 80 8.66 37.36 12.68
C PHE F 80 8.15 37.76 11.30
N HIS F 81 8.72 37.21 10.24
CA HIS F 81 8.35 37.66 8.89
C HIS F 81 6.89 37.30 8.56
N GLY F 82 6.44 36.14 9.04
CA GLY F 82 5.13 35.61 8.71
C GLY F 82 3.97 36.49 9.13
N ASP F 83 4.10 37.18 10.26
CA ASP F 83 3.02 38.01 10.77
C ASP F 83 3.03 39.45 10.22
N GLN F 84 3.98 39.78 9.35
CA GLN F 84 3.96 41.08 8.68
C GLN F 84 2.78 41.08 7.71
N GLU F 85 2.31 42.26 7.31
CA GLU F 85 1.16 42.38 6.40
C GLU F 85 1.33 41.53 5.15
N CYS F 86 0.24 40.95 4.67
CA CYS F 86 0.26 40.12 3.45
C CYS F 86 0.98 40.80 2.29
N TYR F 87 0.76 42.11 2.14
CA TYR F 87 1.32 42.85 1.00
C TYR F 87 2.81 43.18 1.12
N TYR F 88 3.44 42.79 2.22
CA TYR F 88 4.89 42.93 2.37
C TYR F 88 5.60 41.60 2.12
N GLN F 89 4.84 40.52 1.94
CA GLN F 89 5.45 39.20 1.88
C GLN F 89 6.34 39.07 0.65
N ASP F 90 5.96 39.71 -0.46
CA ASP F 90 6.78 39.72 -1.66
C ASP F 90 8.09 40.48 -1.42
N ASP F 91 8.03 41.59 -0.69
CA ASP F 91 9.23 42.38 -0.38
C ASP F 91 10.16 41.64 0.57
N LEU F 92 9.57 40.88 1.48
CA LEU F 92 10.33 40.07 2.43
C LEU F 92 11.06 38.92 1.76
N ARG F 93 10.52 38.43 0.65
CA ARG F 93 11.17 37.37 -0.11
C ARG F 93 12.44 37.88 -0.79
N VAL F 94 12.43 39.15 -1.17
CA VAL F 94 13.62 39.80 -1.68
C VAL F 94 14.62 40.06 -0.55
N LEU F 95 14.11 40.55 0.58
CA LEU F 95 14.96 40.87 1.73
C LEU F 95 15.75 39.65 2.22
N SER F 96 15.10 38.48 2.19
CA SER F 96 15.73 37.25 2.66
C SER F 96 16.92 36.84 1.78
N SER F 97 17.03 37.41 0.59
CA SER F 97 18.17 37.14 -0.27
C SER F 97 19.43 37.83 0.25
N LEU F 98 19.27 38.81 1.14
CA LEU F 98 20.40 39.47 1.78
C LEU F 98 20.73 38.79 3.12
N THR F 99 21.69 37.87 3.10
CA THR F 99 22.06 37.12 4.30
C THR F 99 23.42 37.49 4.89
N LYS F 100 24.25 38.17 4.09
CA LYS F 100 25.62 38.50 4.49
C LYS F 100 25.88 39.99 4.35
N LYS F 101 26.77 40.52 5.20
CA LYS F 101 27.12 41.93 5.14
C LYS F 101 27.50 42.33 3.71
N GLU F 102 28.21 41.44 3.02
CA GLU F 102 28.73 41.73 1.69
C GLU F 102 27.63 41.82 0.63
N HIS F 103 26.47 41.24 0.91
CA HIS F 103 25.33 41.35 0.01
C HIS F 103 24.74 42.76 0.06
N MSE F 104 25.02 43.48 1.12
CA MSE F 104 24.46 44.81 1.33
C MSE F 104 25.36 45.91 0.78
O MSE F 104 24.88 46.95 0.33
CB MSE F 104 24.20 45.04 2.81
CG MSE F 104 23.23 44.04 3.42
SE MSE F 104 23.12 44.19 5.35
CE MSE F 104 22.39 46.00 5.49
N LYS F 105 26.68 45.69 0.83
CA LYS F 105 27.62 46.69 0.33
C LYS F 105 27.51 46.89 -1.17
N GLY F 106 27.39 48.16 -1.59
CA GLY F 106 27.28 48.52 -3.00
C GLY F 106 26.04 47.98 -3.68
N ASN F 107 25.02 47.64 -2.91
CA ASN F 107 23.80 47.06 -3.44
C ASN F 107 22.66 48.09 -3.47
N GLU F 108 22.25 48.49 -4.67
CA GLU F 108 21.20 49.50 -4.83
C GLU F 108 19.84 49.04 -4.33
N THR F 109 19.66 47.73 -4.21
CA THR F 109 18.42 47.17 -3.65
C THR F 109 18.18 47.67 -2.22
N MSE F 110 19.27 48.00 -1.53
CA MSE F 110 19.21 48.53 -0.17
C MSE F 110 18.40 49.82 -0.05
O MSE F 110 17.88 50.13 1.03
CB MSE F 110 20.62 48.76 0.38
CG MSE F 110 21.31 47.50 0.85
SE MSE F 110 20.31 46.62 2.28
CE MSE F 110 20.30 48.10 3.60
N LEU F 111 18.30 50.57 -1.15
CA LEU F 111 17.55 51.82 -1.13
C LEU F 111 16.07 51.57 -0.86
N ASP F 112 15.58 50.41 -1.27
CA ASP F 112 14.18 50.04 -1.06
C ASP F 112 13.89 49.66 0.40
N PHE F 113 14.94 49.32 1.15
CA PHE F 113 14.78 48.87 2.52
C PHE F 113 15.31 49.84 3.56
N ARG F 114 15.64 51.06 3.12
CA ARG F 114 16.24 52.03 4.04
C ARG F 114 15.24 52.46 5.11
N THR F 115 15.70 52.51 6.34
CA THR F 115 14.84 52.76 7.47
C THR F 115 14.17 54.14 7.39
N SER F 116 14.88 55.10 6.79
CA SER F 116 14.41 56.49 6.72
C SER F 116 13.28 56.73 5.71
N LYS F 117 12.97 55.76 4.86
CA LYS F 117 11.94 55.94 3.84
C LYS F 117 10.53 55.78 4.42
N PHE F 118 10.41 55.03 5.50
CA PHE F 118 9.10 54.74 6.09
C PHE F 118 8.57 55.94 6.87
N VAL F 119 7.49 56.54 6.37
CA VAL F 119 6.88 57.69 7.04
C VAL F 119 5.95 57.19 8.13
N LEU F 120 6.21 57.61 9.37
CA LEU F 120 5.43 57.15 10.50
C LEU F 120 4.85 58.34 11.26
N ARG F 121 3.55 58.31 11.52
CA ARG F 121 2.87 59.35 12.26
C ARG F 121 2.09 58.74 13.41
N ILE F 122 2.41 59.18 14.63
CA ILE F 122 1.71 58.70 15.81
C ILE F 122 1.38 59.88 16.72
N SER F 123 0.42 59.67 17.62
CA SER F 123 0.04 60.69 18.58
C SER F 123 1.04 60.72 19.72
N ARG F 124 1.11 61.84 20.45
CA ARG F 124 1.99 61.95 21.61
C ARG F 124 1.61 60.88 22.63
N ASP F 125 0.31 60.68 22.76
CA ASP F 125 -0.28 59.68 23.64
C ASP F 125 0.33 58.29 23.41
N SER F 126 0.33 57.85 22.14
CA SER F 126 0.88 56.55 21.78
C SER F 126 2.40 56.50 21.95
N TYR F 127 3.06 57.60 21.61
CA TYR F 127 4.52 57.68 21.74
C TYR F 127 4.95 57.52 23.19
N GLN F 128 4.21 58.15 24.09
CA GLN F 128 4.54 58.09 25.52
C GLN F 128 4.35 56.68 26.07
N LEU F 129 3.28 56.01 25.64
CA LEU F 129 3.07 54.61 26.01
C LEU F 129 4.21 53.76 25.47
N LEU F 130 4.53 53.97 24.20
CA LEU F 130 5.63 53.27 23.54
C LEU F 130 6.94 53.47 24.28
N LYS F 131 7.24 54.73 24.58
CA LYS F 131 8.46 55.09 25.28
C LYS F 131 8.57 54.37 26.61
N ARG F 132 7.48 54.35 27.38
CA ARG F 132 7.48 53.71 28.69
C ARG F 132 7.80 52.22 28.56
N HIS F 133 7.16 51.55 27.60
CA HIS F 133 7.43 50.14 27.37
C HIS F 133 8.89 49.89 27.00
N LEU F 134 9.43 50.71 26.11
CA LEU F 134 10.79 50.47 25.59
C LEU F 134 11.87 50.81 26.61
N GLN F 135 11.53 51.58 27.64
CA GLN F 135 12.47 51.97 28.67
C GLN F 135 12.37 51.10 29.93
N GLU F 136 11.53 50.08 29.91
CA GLU F 136 11.39 49.20 31.06
C GLU F 136 12.62 48.31 31.23
N LYS F 137 13.13 47.76 30.13
CA LYS F 137 14.39 47.04 30.14
C LYS F 137 15.54 48.05 30.07
N GLN F 138 16.75 47.57 30.35
CA GLN F 138 17.94 48.37 30.15
C GLN F 138 18.51 48.07 28.77
N ASN F 139 18.84 49.10 28.02
CA ASN F 139 19.47 48.95 26.70
C ASN F 139 18.61 48.24 25.66
N ASN F 140 17.31 48.52 25.64
CA ASN F 140 16.43 47.98 24.62
C ASN F 140 16.72 48.62 23.26
N GLN F 141 17.29 47.84 22.35
CA GLN F 141 17.74 48.35 21.05
C GLN F 141 16.63 49.04 20.26
N ILE F 142 15.38 48.60 20.45
CA ILE F 142 14.27 49.19 19.72
C ILE F 142 14.14 50.67 20.08
N TRP F 143 14.43 51.01 21.33
CA TRP F 143 14.37 52.41 21.77
C TRP F 143 15.38 53.26 20.99
N ASN F 144 16.57 52.73 20.79
CA ASN F 144 17.60 53.41 20.01
C ASN F 144 17.17 53.62 18.56
N ILE F 145 16.62 52.58 17.95
CA ILE F 145 16.18 52.63 16.56
C ILE F 145 15.07 53.66 16.38
N VAL F 146 14.12 53.64 17.31
CA VAL F 146 13.02 54.61 17.32
C VAL F 146 13.54 56.04 17.48
N GLN F 147 14.54 56.22 18.33
CA GLN F 147 15.12 57.53 18.57
C GLN F 147 15.91 58.07 17.40
N GLU F 148 16.68 57.21 16.74
CA GLU F 148 17.72 57.65 15.82
C GLU F 148 17.47 57.35 14.33
N HIS F 149 16.74 56.28 14.04
CA HIS F 149 16.66 55.80 12.66
C HIS F 149 15.27 55.82 12.04
N LEU F 150 14.22 55.79 12.86
CA LEU F 150 12.86 55.80 12.34
C LEU F 150 12.38 57.22 12.07
N TYR F 151 11.76 57.40 10.90
CA TYR F 151 11.22 58.69 10.50
C TYR F 151 9.82 58.85 11.09
N ILE F 152 9.76 59.19 12.37
CA ILE F 152 8.49 59.29 13.09
C ILE F 152 8.11 60.73 13.43
N ASP F 153 6.92 61.14 13.01
CA ASP F 153 6.38 62.44 13.34
C ASP F 153 5.38 62.29 14.50
N ILE F 154 5.63 63.00 15.59
CA ILE F 154 4.79 62.89 16.78
C ILE F 154 3.80 64.06 16.86
N PHE F 155 2.53 63.75 16.76
CA PHE F 155 1.47 64.74 16.87
C PHE F 155 1.04 64.90 18.32
N ASP F 156 0.68 66.12 18.69
CA ASP F 156 0.20 66.41 20.05
C ASP F 156 -1.31 66.61 20.04
N VAL G 11 -40.66 10.33 -20.00
CA VAL G 11 -40.80 10.24 -18.52
C VAL G 11 -40.06 11.40 -17.84
N SER G 12 -38.78 11.58 -18.17
CA SER G 12 -38.01 12.70 -17.64
C SER G 12 -38.65 14.03 -17.99
N ALA G 13 -39.35 14.07 -19.13
CA ALA G 13 -40.12 15.24 -19.51
C ALA G 13 -41.29 15.43 -18.57
N VAL G 14 -41.93 14.31 -18.20
CA VAL G 14 -43.01 14.32 -17.21
C VAL G 14 -42.48 14.68 -15.83
N LEU G 15 -41.28 14.19 -15.52
CA LEU G 15 -40.66 14.43 -14.21
C LEU G 15 -40.15 15.86 -14.07
N SER G 16 -40.03 16.57 -15.18
CA SER G 16 -39.57 17.96 -15.15
C SER G 16 -40.64 18.90 -14.61
N ALA G 17 -41.87 18.39 -14.46
CA ALA G 17 -42.97 19.19 -13.93
C ALA G 17 -42.90 19.31 -12.41
N TYR G 18 -42.11 18.46 -11.77
CA TYR G 18 -42.03 18.41 -10.30
C TYR G 18 -40.76 19.05 -9.74
N ASN G 19 -40.11 19.90 -10.52
CA ASN G 19 -38.85 20.51 -10.11
C ASN G 19 -39.04 21.73 -9.21
N GLN G 20 -39.80 22.71 -9.69
CA GLN G 20 -39.98 23.96 -8.95
C GLN G 20 -41.02 23.81 -7.84
N GLN G 21 -40.64 23.12 -6.77
CA GLN G 21 -41.53 22.84 -5.64
C GLN G 21 -41.81 24.10 -4.83
N GLY G 22 -42.64 23.94 -3.80
CA GLY G 22 -42.90 25.00 -2.83
C GLY G 22 -42.52 24.54 -1.44
N ASP G 23 -43.13 25.14 -0.41
CA ASP G 23 -42.86 24.76 0.97
C ASP G 23 -43.64 23.49 1.31
N PRO G 24 -42.94 22.33 1.38
CA PRO G 24 -43.62 21.06 1.60
C PRO G 24 -44.46 21.00 2.88
N THR G 25 -44.11 21.82 3.86
CA THR G 25 -44.87 21.87 5.11
C THR G 25 -46.20 22.63 4.96
N MSE G 26 -46.39 23.28 3.81
CA MSE G 26 -47.59 24.08 3.56
C MSE G 26 -48.55 23.45 2.56
O MSE G 26 -49.62 24.01 2.29
CB MSE G 26 -47.19 25.47 3.06
CG MSE G 26 -46.55 26.36 4.11
SE MSE G 26 -47.84 26.84 5.49
CE MSE G 26 -49.00 28.03 4.42
N TYR G 27 -48.19 22.29 2.02
CA TYR G 27 -49.00 21.67 0.97
C TYR G 27 -50.40 21.29 1.48
N GLU G 28 -50.48 20.80 2.71
CA GLU G 28 -51.78 20.44 3.29
C GLU G 28 -52.66 21.66 3.51
N GLU G 29 -52.05 22.75 3.98
CA GLU G 29 -52.76 24.01 4.16
C GLU G 29 -53.31 24.54 2.84
N TYR G 30 -52.50 24.47 1.79
CA TYR G 30 -52.89 24.99 0.48
C TYR G 30 -54.06 24.20 -0.12
N TYR G 31 -54.07 22.89 0.08
CA TYR G 31 -55.10 22.05 -0.52
C TYR G 31 -56.37 22.10 0.32
N SER G 32 -56.21 22.14 1.64
CA SER G 32 -57.34 22.31 2.55
C SER G 32 -58.07 23.62 2.30
N GLY G 33 -57.30 24.69 2.09
CA GLY G 33 -57.86 26.01 1.83
C GLY G 33 -58.66 26.06 0.54
N LEU G 34 -58.09 25.48 -0.52
CA LEU G 34 -58.74 25.44 -1.82
C LEU G 34 -60.00 24.60 -1.76
N LYS G 35 -59.92 23.46 -1.08
CA LYS G 35 -61.06 22.57 -0.91
C LYS G 35 -62.22 23.30 -0.25
N HIS G 36 -61.94 23.98 0.86
CA HIS G 36 -62.94 24.75 1.59
C HIS G 36 -63.54 25.84 0.71
N PHE G 37 -62.66 26.59 0.06
CA PHE G 37 -63.07 27.61 -0.89
C PHE G 37 -64.03 27.05 -1.95
N ILE G 38 -63.62 25.98 -2.62
CA ILE G 38 -64.46 25.39 -3.67
C ILE G 38 -65.80 24.90 -3.12
N GLU G 39 -65.74 24.18 -2.00
CA GLU G 39 -66.96 23.61 -1.43
C GLU G 39 -67.92 24.67 -0.88
N CYS G 40 -67.41 25.86 -0.58
CA CYS G 40 -68.26 26.97 -0.13
C CYS G 40 -68.64 27.95 -1.24
N SER G 41 -68.31 27.62 -2.48
CA SER G 41 -68.64 28.46 -3.63
C SER G 41 -70.07 28.18 -4.10
N LEU G 42 -70.58 29.03 -4.99
CA LEU G 42 -71.88 28.79 -5.60
C LEU G 42 -71.81 27.53 -6.45
N ASP G 43 -72.95 26.94 -6.75
CA ASP G 43 -73.00 25.64 -7.44
C ASP G 43 -72.27 25.64 -8.78
N CYS G 44 -72.52 26.66 -9.59
CA CYS G 44 -71.91 26.74 -10.91
C CYS G 44 -70.38 26.82 -10.82
N HIS G 45 -69.88 27.54 -9.83
CA HIS G 45 -68.44 27.66 -9.63
C HIS G 45 -67.85 26.40 -9.01
N ARG G 46 -68.60 25.79 -8.09
CA ARG G 46 -68.15 24.56 -7.45
C ARG G 46 -68.09 23.42 -8.46
N ALA G 47 -69.14 23.29 -9.26
CA ALA G 47 -69.19 22.26 -10.31
C ALA G 47 -67.98 22.33 -11.24
N GLU G 48 -67.59 23.54 -11.62
CA GLU G 48 -66.46 23.75 -12.52
C GLU G 48 -65.12 23.62 -11.83
N LEU G 49 -64.97 24.28 -10.68
CA LEU G 49 -63.69 24.28 -9.98
C LEU G 49 -63.33 22.92 -9.38
N SER G 50 -64.33 22.08 -9.14
CA SER G 50 -64.12 20.77 -8.54
C SER G 50 -63.26 19.81 -9.40
N GLN G 51 -63.15 20.10 -10.69
CA GLN G 51 -62.32 19.26 -11.55
C GLN G 51 -60.84 19.54 -11.35
N LEU G 52 -60.50 20.53 -10.53
CA LEU G 52 -59.12 20.76 -10.12
C LEU G 52 -58.65 19.74 -9.08
N PHE G 53 -59.59 19.16 -8.34
CA PHE G 53 -59.23 18.34 -7.18
C PHE G 53 -58.23 17.22 -7.47
N TYR G 54 -58.55 16.33 -8.41
CA TYR G 54 -57.71 15.16 -8.65
C TYR G 54 -56.35 15.50 -9.26
N PRO G 55 -56.34 16.28 -10.36
CA PRO G 55 -55.05 16.64 -10.96
C PRO G 55 -54.15 17.36 -9.98
N LEU G 56 -54.74 18.22 -9.15
CA LEU G 56 -53.98 19.00 -8.19
C LEU G 56 -53.42 18.09 -7.09
N PHE G 57 -54.25 17.18 -6.59
CA PHE G 57 -53.81 16.24 -5.57
C PHE G 57 -52.66 15.35 -6.06
N VAL G 58 -52.82 14.79 -7.25
CA VAL G 58 -51.80 13.91 -7.82
C VAL G 58 -50.47 14.64 -8.01
N HIS G 59 -50.52 15.78 -8.70
CA HIS G 59 -49.32 16.58 -8.92
C HIS G 59 -48.62 16.94 -7.61
N MSE G 60 -49.38 17.43 -6.65
CA MSE G 60 -48.81 17.88 -5.38
C MSE G 60 -48.22 16.71 -4.60
O MSE G 60 -47.19 16.85 -3.95
CB MSE G 60 -49.86 18.60 -4.54
CG MSE G 60 -50.25 19.97 -5.08
SE MSE G 60 -51.55 20.91 -3.95
CE MSE G 60 -50.35 21.52 -2.53
N TYR G 61 -48.88 15.56 -4.66
CA TYR G 61 -48.36 14.37 -4.00
C TYR G 61 -47.05 13.94 -4.65
N LEU G 62 -47.04 13.86 -5.98
CA LEU G 62 -45.86 13.43 -6.71
C LEU G 62 -44.73 14.45 -6.60
N GLU G 63 -45.08 15.71 -6.39
CA GLU G 63 -44.09 16.77 -6.21
C GLU G 63 -43.35 16.56 -4.90
N LEU G 64 -44.10 16.25 -3.85
CA LEU G 64 -43.52 15.96 -2.55
C LEU G 64 -42.61 14.73 -2.63
N VAL G 65 -43.07 13.69 -3.33
CA VAL G 65 -42.31 12.46 -3.46
C VAL G 65 -40.99 12.70 -4.19
N TYR G 66 -41.08 13.28 -5.39
CA TYR G 66 -39.90 13.51 -6.22
C TYR G 66 -38.84 14.35 -5.51
N ASN G 67 -39.29 15.28 -4.67
CA ASN G 67 -38.36 16.11 -3.91
C ASN G 67 -38.03 15.50 -2.55
N GLN G 68 -38.23 14.18 -2.44
CA GLN G 68 -37.79 13.40 -1.29
C GLN G 68 -38.36 13.91 0.04
N HIS G 69 -39.63 14.31 0.00
CA HIS G 69 -40.36 14.65 1.21
C HIS G 69 -41.32 13.49 1.49
N GLU G 70 -40.76 12.40 1.99
CA GLU G 70 -41.48 11.13 2.08
C GLU G 70 -42.57 11.13 3.14
N ASN G 71 -42.29 11.75 4.28
CA ASN G 71 -43.22 11.78 5.40
C ASN G 71 -44.44 12.66 5.12
N GLU G 72 -44.19 13.83 4.55
CA GLU G 72 -45.25 14.80 4.26
C GLU G 72 -46.03 14.43 3.00
N ALA G 73 -45.44 13.60 2.15
CA ALA G 73 -46.15 13.05 1.01
C ALA G 73 -47.12 11.98 1.48
N LYS G 74 -46.66 11.14 2.39
CA LYS G 74 -47.49 10.10 2.97
C LYS G 74 -48.67 10.70 3.71
N SER G 75 -48.43 11.82 4.40
CA SER G 75 -49.48 12.49 5.16
C SER G 75 -50.46 13.20 4.24
N PHE G 76 -49.93 13.84 3.20
CA PHE G 76 -50.76 14.52 2.21
C PHE G 76 -51.72 13.53 1.56
N PHE G 77 -51.20 12.37 1.18
CA PHE G 77 -52.02 11.32 0.57
C PHE G 77 -53.08 10.81 1.53
N GLU G 78 -52.68 10.56 2.78
CA GLU G 78 -53.60 10.03 3.79
C GLU G 78 -54.77 10.97 4.04
N LYS G 79 -54.53 12.27 4.04
CA LYS G 79 -55.57 13.24 4.36
C LYS G 79 -56.57 13.50 3.24
N PHE G 80 -56.11 13.49 1.99
CA PHE G 80 -56.93 13.99 0.88
C PHE G 80 -57.37 12.96 -0.16
N HIS G 81 -56.77 11.77 -0.16
CA HIS G 81 -57.08 10.79 -1.20
C HIS G 81 -58.53 10.30 -1.07
N GLY G 82 -59.01 10.24 0.17
CA GLY G 82 -60.32 9.66 0.47
C GLY G 82 -61.50 10.41 -0.12
N ASP G 83 -61.34 11.71 -0.33
CA ASP G 83 -62.43 12.54 -0.85
C ASP G 83 -62.36 12.74 -2.36
N GLN G 84 -61.36 12.15 -3.02
CA GLN G 84 -61.29 12.18 -4.47
C GLN G 84 -62.42 11.32 -5.00
N GLU G 85 -62.81 11.51 -6.26
CA GLU G 85 -63.91 10.75 -6.85
C GLU G 85 -63.69 9.25 -6.64
N CYS G 86 -64.80 8.52 -6.46
CA CYS G 86 -64.74 7.08 -6.21
C CYS G 86 -64.04 6.35 -7.35
N TYR G 87 -64.18 6.85 -8.57
CA TYR G 87 -63.59 6.18 -9.74
C TYR G 87 -62.10 6.47 -9.92
N TYR G 88 -61.52 7.24 -8.99
CA TYR G 88 -60.08 7.46 -8.96
C TYR G 88 -59.39 6.61 -7.90
N GLN G 89 -60.17 5.94 -7.07
CA GLN G 89 -59.62 5.23 -5.90
C GLN G 89 -58.73 4.05 -6.29
N ASP G 90 -59.04 3.40 -7.40
CA ASP G 90 -58.17 2.34 -7.92
C ASP G 90 -56.83 2.92 -8.38
N ASP G 91 -56.88 4.03 -9.10
CA ASP G 91 -55.67 4.68 -9.58
C ASP G 91 -54.81 5.17 -8.41
N LEU G 92 -55.48 5.65 -7.37
CA LEU G 92 -54.82 6.16 -6.18
C LEU G 92 -54.06 5.08 -5.39
N ARG G 93 -54.51 3.84 -5.47
CA ARG G 93 -53.79 2.73 -4.83
C ARG G 93 -52.45 2.51 -5.50
N VAL G 94 -52.44 2.58 -6.82
CA VAL G 94 -51.20 2.51 -7.58
C VAL G 94 -50.29 3.68 -7.22
N LEU G 95 -50.87 4.87 -7.09
CA LEU G 95 -50.10 6.08 -6.78
C LEU G 95 -49.42 5.98 -5.42
N SER G 96 -50.13 5.43 -4.44
CA SER G 96 -49.60 5.29 -3.09
C SER G 96 -48.37 4.39 -3.03
N SER G 97 -48.19 3.55 -4.06
CA SER G 97 -47.04 2.67 -4.13
C SER G 97 -45.77 3.42 -4.52
N LEU G 98 -45.93 4.61 -5.08
CA LEU G 98 -44.79 5.48 -5.40
C LEU G 98 -44.52 6.41 -4.22
N THR G 99 -43.48 6.07 -3.45
CA THR G 99 -43.18 6.74 -2.20
C THR G 99 -41.80 7.42 -2.20
N LYS G 100 -40.88 6.92 -3.03
CA LYS G 100 -39.54 7.51 -3.14
C LYS G 100 -39.33 8.02 -4.56
N LYS G 101 -38.35 8.90 -4.75
CA LYS G 101 -37.99 9.38 -6.09
C LYS G 101 -37.59 8.20 -6.97
N GLU G 102 -36.92 7.20 -6.37
CA GLU G 102 -36.50 6.00 -7.07
C GLU G 102 -37.64 5.43 -7.88
N HIS G 103 -38.81 5.35 -7.26
CA HIS G 103 -39.98 4.70 -7.85
C HIS G 103 -40.53 5.44 -9.07
N MSE G 104 -40.22 6.74 -9.17
CA MSE G 104 -40.73 7.57 -10.26
C MSE G 104 -39.79 7.53 -11.47
O MSE G 104 -40.26 7.35 -12.60
CB MSE G 104 -40.93 9.00 -9.78
CG MSE G 104 -42.05 9.14 -8.75
SE MSE G 104 -42.19 10.92 -7.96
CE MSE G 104 -42.51 11.96 -9.56
N LYS G 105 -38.50 7.71 -11.23
CA LYS G 105 -37.51 7.68 -12.32
C LYS G 105 -37.57 6.39 -13.13
N GLY G 106 -37.68 6.54 -14.45
CA GLY G 106 -37.71 5.40 -15.35
C GLY G 106 -38.90 4.48 -15.12
N ASN G 107 -39.98 5.02 -14.57
CA ASN G 107 -41.19 4.25 -14.34
C ASN G 107 -42.28 4.67 -15.33
N GLU G 108 -42.67 3.74 -16.20
CA GLU G 108 -43.66 4.01 -17.25
C GLU G 108 -45.03 4.33 -16.67
N THR G 109 -45.25 3.99 -15.41
CA THR G 109 -46.50 4.31 -14.73
C THR G 109 -46.70 5.81 -14.60
N MSE G 110 -45.61 6.56 -14.61
CA MSE G 110 -45.65 8.02 -14.50
C MSE G 110 -46.44 8.68 -15.62
O MSE G 110 -46.99 9.77 -15.44
CB MSE G 110 -44.23 8.58 -14.51
CG MSE G 110 -43.48 8.36 -13.20
SE MSE G 110 -44.46 9.12 -11.70
CE MSE G 110 -44.64 10.94 -12.35
N LEU G 111 -46.50 8.03 -16.78
CA LEU G 111 -47.22 8.57 -17.93
C LEU G 111 -48.73 8.62 -17.68
N ASP G 112 -49.20 7.77 -16.77
CA ASP G 112 -50.63 7.71 -16.43
C ASP G 112 -51.03 8.78 -15.40
N PHE G 113 -50.05 9.51 -14.86
CA PHE G 113 -50.32 10.52 -13.85
C PHE G 113 -49.77 11.91 -14.24
N ARG G 114 -49.28 12.04 -15.47
CA ARG G 114 -48.71 13.31 -15.91
C ARG G 114 -49.77 14.42 -15.87
N THR G 115 -49.38 15.57 -15.32
CA THR G 115 -50.29 16.69 -15.10
C THR G 115 -50.82 17.27 -16.42
N SER G 116 -50.01 17.20 -17.47
CA SER G 116 -50.36 17.79 -18.75
C SER G 116 -51.51 17.06 -19.48
N LYS G 117 -51.87 15.88 -19.02
CA LYS G 117 -52.93 15.11 -19.66
C LYS G 117 -54.32 15.61 -19.27
N PHE G 118 -54.48 16.01 -18.01
CA PHE G 118 -55.77 16.44 -17.48
C PHE G 118 -56.26 17.72 -18.12
N VAL G 119 -57.22 17.61 -19.03
CA VAL G 119 -57.78 18.79 -19.69
C VAL G 119 -58.86 19.41 -18.81
N LEU G 120 -58.69 20.70 -18.47
CA LEU G 120 -59.63 21.39 -17.60
C LEU G 120 -60.25 22.59 -18.31
N ARG G 121 -61.56 22.74 -18.15
CA ARG G 121 -62.30 23.80 -18.81
C ARG G 121 -63.18 24.51 -17.80
N ILE G 122 -62.96 25.81 -17.62
CA ILE G 122 -63.77 26.61 -16.69
C ILE G 122 -64.10 27.97 -17.26
N SER G 123 -65.14 28.58 -16.70
CA SER G 123 -65.57 29.91 -17.10
C SER G 123 -64.64 30.96 -16.53
N ARG G 124 -64.69 32.16 -17.10
CA ARG G 124 -63.88 33.29 -16.66
C ARG G 124 -64.13 33.64 -15.20
N ASP G 125 -65.40 33.75 -14.82
CA ASP G 125 -65.76 34.12 -13.45
C ASP G 125 -65.23 33.11 -12.43
N SER G 126 -65.39 31.82 -12.72
CA SER G 126 -64.83 30.77 -11.87
C SER G 126 -63.33 30.92 -11.72
N TYR G 127 -62.66 31.18 -12.85
CA TYR G 127 -61.21 31.36 -12.85
C TYR G 127 -60.78 32.57 -12.03
N GLN G 128 -61.54 33.65 -12.10
CA GLN G 128 -61.20 34.89 -11.41
C GLN G 128 -61.37 34.74 -9.89
N LEU G 129 -62.43 34.05 -9.49
CA LEU G 129 -62.62 33.71 -8.07
C LEU G 129 -61.47 32.83 -7.58
N LEU G 130 -61.12 31.83 -8.38
CA LEU G 130 -60.01 30.94 -8.07
C LEU G 130 -58.70 31.71 -7.89
N LYS G 131 -58.40 32.59 -8.83
CA LYS G 131 -57.16 33.37 -8.81
C LYS G 131 -57.08 34.26 -7.57
N ARG G 132 -58.20 34.89 -7.21
CA ARG G 132 -58.26 35.72 -6.03
C ARG G 132 -57.96 34.91 -4.77
N HIS G 133 -58.67 33.79 -4.60
CA HIS G 133 -58.42 32.90 -3.46
C HIS G 133 -56.96 32.46 -3.35
N LEU G 134 -56.39 32.05 -4.46
CA LEU G 134 -55.02 31.53 -4.46
C LEU G 134 -53.97 32.62 -4.21
N GLN G 135 -54.33 33.87 -4.47
CA GLN G 135 -53.43 35.00 -4.24
C GLN G 135 -53.55 35.56 -2.83
N GLU G 136 -54.46 35.02 -2.03
CA GLU G 136 -54.63 35.49 -0.65
C GLU G 136 -53.39 35.23 0.18
N LYS G 137 -52.80 34.05 0.04
CA LYS G 137 -51.57 33.71 0.74
C LYS G 137 -50.35 34.08 -0.11
N GLN G 138 -49.25 34.40 0.56
CA GLN G 138 -47.99 34.65 -0.12
C GLN G 138 -47.47 33.38 -0.77
N ASN G 139 -47.23 33.43 -2.07
CA ASN G 139 -46.72 32.29 -2.81
C ASN G 139 -47.44 30.98 -2.49
N ASN G 140 -48.70 30.89 -2.91
CA ASN G 140 -49.43 29.64 -2.84
C ASN G 140 -48.96 28.76 -3.98
N GLN G 141 -48.36 27.62 -3.63
CA GLN G 141 -47.82 26.69 -4.63
C GLN G 141 -48.87 26.27 -5.66
N ILE G 142 -50.12 26.16 -5.23
CA ILE G 142 -51.21 25.77 -6.13
C ILE G 142 -51.39 26.78 -7.26
N TRP G 143 -51.12 28.05 -6.98
CA TRP G 143 -51.18 29.09 -7.99
C TRP G 143 -50.11 28.87 -9.06
N ASN G 144 -48.93 28.44 -8.62
CA ASN G 144 -47.82 28.17 -9.52
C ASN G 144 -48.10 26.93 -10.39
N ILE G 145 -48.59 25.87 -9.76
CA ILE G 145 -48.97 24.68 -10.49
C ILE G 145 -50.03 25.00 -11.54
N VAL G 146 -50.97 25.87 -11.17
CA VAL G 146 -52.07 26.24 -12.06
C VAL G 146 -51.57 27.02 -13.28
N GLN G 147 -50.56 27.86 -13.09
CA GLN G 147 -50.00 28.65 -14.18
C GLN G 147 -49.11 27.80 -15.10
N GLU G 148 -48.18 27.07 -14.52
CA GLU G 148 -47.16 26.35 -15.28
C GLU G 148 -47.58 24.96 -15.74
N HIS G 149 -48.17 24.17 -14.84
CA HIS G 149 -48.30 22.73 -15.09
C HIS G 149 -49.71 22.25 -15.45
N LEU G 150 -50.75 22.98 -15.01
CA LEU G 150 -52.12 22.57 -15.29
C LEU G 150 -52.61 23.02 -16.66
N TYR G 151 -53.32 22.12 -17.34
CA TYR G 151 -53.87 22.36 -18.67
C TYR G 151 -55.27 22.96 -18.53
N ILE G 152 -55.34 24.25 -18.22
CA ILE G 152 -56.62 24.92 -17.96
C ILE G 152 -57.01 25.87 -19.08
N ASP G 153 -58.13 25.59 -19.74
CA ASP G 153 -58.66 26.52 -20.74
C ASP G 153 -59.80 27.35 -20.15
N ILE G 154 -59.67 28.68 -20.25
CA ILE G 154 -60.70 29.59 -19.75
C ILE G 154 -61.66 29.91 -20.89
N PHE G 155 -62.95 29.83 -20.59
CA PHE G 155 -64.00 30.07 -21.58
C PHE G 155 -64.82 31.31 -21.22
N ASP G 156 -65.12 32.11 -22.23
CA ASP G 156 -65.92 33.32 -22.04
C ASP G 156 -67.38 33.06 -22.40
N SER H 12 40.99 -13.66 -3.76
CA SER H 12 40.14 -14.13 -4.89
C SER H 12 41.00 -14.79 -5.96
N ALA H 13 42.04 -14.09 -6.40
CA ALA H 13 43.00 -14.66 -7.33
C ALA H 13 43.72 -15.83 -6.68
N VAL H 14 43.94 -15.71 -5.37
CA VAL H 14 44.54 -16.80 -4.59
C VAL H 14 43.61 -18.01 -4.54
N LEU H 15 42.30 -17.74 -4.40
CA LEU H 15 41.31 -18.81 -4.32
C LEU H 15 41.11 -19.49 -5.67
N SER H 16 41.37 -18.76 -6.74
CA SER H 16 41.25 -19.32 -8.10
C SER H 16 42.25 -20.43 -8.34
N ALA H 17 43.32 -20.46 -7.54
CA ALA H 17 44.32 -21.51 -7.65
C ALA H 17 43.77 -22.87 -7.18
N TYR H 18 42.68 -22.84 -6.42
CA TYR H 18 42.12 -24.06 -5.84
C TYR H 18 40.86 -24.55 -6.56
N ASN H 19 40.43 -23.83 -7.59
CA ASN H 19 39.19 -24.16 -8.28
C ASN H 19 39.35 -25.18 -9.40
N GLN H 20 40.34 -26.06 -9.26
CA GLN H 20 40.62 -27.07 -10.28
C GLN H 20 41.23 -28.31 -9.62
N GLN H 21 40.36 -29.20 -9.16
CA GLN H 21 40.78 -30.36 -8.40
C GLN H 21 41.01 -31.59 -9.28
N GLY H 22 41.56 -32.64 -8.67
CA GLY H 22 41.65 -33.94 -9.31
C GLY H 22 40.61 -34.86 -8.68
N ASP H 23 41.01 -36.10 -8.40
CA ASP H 23 40.15 -37.02 -7.68
C ASP H 23 40.48 -36.93 -6.19
N PRO H 24 39.55 -36.38 -5.39
CA PRO H 24 39.82 -36.13 -3.96
C PRO H 24 40.20 -37.39 -3.19
N THR H 25 39.65 -38.53 -3.60
CA THR H 25 39.97 -39.80 -2.97
C THR H 25 41.40 -40.28 -3.28
N MSE H 26 42.07 -39.62 -4.22
CA MSE H 26 43.40 -40.02 -4.64
C MSE H 26 44.52 -39.13 -4.07
O MSE H 26 45.70 -39.41 -4.30
CB MSE H 26 43.49 -39.99 -6.17
CG MSE H 26 42.78 -41.15 -6.85
SE MSE H 26 43.65 -42.83 -6.42
CE MSE H 26 45.41 -42.52 -7.23
N TYR H 27 44.16 -38.09 -3.34
CA TYR H 27 45.15 -37.10 -2.89
C TYR H 27 46.18 -37.69 -1.92
N GLU H 28 45.73 -38.51 -0.98
CA GLU H 28 46.64 -39.15 -0.02
C GLU H 28 47.58 -40.14 -0.70
N GLU H 29 47.10 -40.78 -1.75
CA GLU H 29 47.91 -41.73 -2.50
C GLU H 29 49.05 -41.01 -3.23
N TYR H 30 48.72 -39.87 -3.84
CA TYR H 30 49.72 -39.06 -4.53
C TYR H 30 50.79 -38.53 -3.58
N TYR H 31 50.36 -37.99 -2.45
CA TYR H 31 51.29 -37.39 -1.48
C TYR H 31 52.14 -38.47 -0.83
N SER H 32 51.54 -39.62 -0.55
CA SER H 32 52.26 -40.78 0.00
C SER H 32 53.31 -41.28 -0.98
N GLY H 33 52.93 -41.34 -2.26
CA GLY H 33 53.86 -41.75 -3.30
C GLY H 33 55.04 -40.80 -3.44
N LEU H 34 54.76 -39.50 -3.30
CA LEU H 34 55.80 -38.48 -3.40
C LEU H 34 56.75 -38.57 -2.21
N LYS H 35 56.16 -38.73 -1.03
CA LYS H 35 56.91 -38.84 0.20
C LYS H 35 57.91 -39.98 0.12
N HIS H 36 57.44 -41.14 -0.34
CA HIS H 36 58.31 -42.30 -0.47
C HIS H 36 59.41 -42.06 -1.50
N PHE H 37 59.05 -41.47 -2.62
CA PHE H 37 60.03 -41.16 -3.68
C PHE H 37 61.14 -40.26 -3.14
N ILE H 38 60.75 -39.15 -2.50
CA ILE H 38 61.71 -38.19 -1.94
C ILE H 38 62.56 -38.83 -0.84
N GLU H 39 61.95 -39.65 0.01
CA GLU H 39 62.68 -40.26 1.12
C GLU H 39 63.67 -41.32 0.68
N CYS H 40 63.39 -41.96 -0.46
CA CYS H 40 64.28 -42.99 -0.99
C CYS H 40 65.31 -42.44 -1.97
N SER H 41 65.33 -41.12 -2.14
CA SER H 41 66.25 -40.47 -3.07
C SER H 41 67.63 -40.33 -2.45
N LEU H 42 68.63 -40.10 -3.30
CA LEU H 42 69.95 -39.72 -2.81
C LEU H 42 69.81 -38.50 -1.92
N ASP H 43 70.69 -38.39 -0.92
CA ASP H 43 70.67 -37.27 0.02
C ASP H 43 70.51 -35.93 -0.68
N CYS H 44 71.35 -35.69 -1.68
CA CYS H 44 71.36 -34.40 -2.37
C CYS H 44 70.01 -34.08 -3.00
N HIS H 45 69.38 -35.08 -3.61
CA HIS H 45 68.06 -34.90 -4.20
C HIS H 45 67.00 -34.75 -3.09
N ARG H 46 67.11 -35.58 -2.05
CA ARG H 46 66.15 -35.54 -0.96
C ARG H 46 66.11 -34.17 -0.28
N ALA H 47 67.27 -33.62 0.04
CA ALA H 47 67.36 -32.30 0.66
C ALA H 47 66.66 -31.23 -0.16
N GLU H 48 66.85 -31.27 -1.48
CA GLU H 48 66.24 -30.28 -2.37
C GLU H 48 64.74 -30.49 -2.51
N LEU H 49 64.34 -31.72 -2.78
CA LEU H 49 62.93 -32.03 -3.04
C LEU H 49 62.07 -31.92 -1.79
N SER H 50 62.69 -32.04 -0.63
CA SER H 50 61.96 -31.93 0.64
C SER H 50 61.30 -30.57 0.80
N GLN H 51 61.80 -29.56 0.10
CA GLN H 51 61.20 -28.23 0.17
C GLN H 51 59.83 -28.20 -0.54
N LEU H 52 59.52 -29.28 -1.27
CA LEU H 52 58.20 -29.47 -1.88
C LEU H 52 57.10 -29.81 -0.88
N PHE H 53 57.47 -30.47 0.21
CA PHE H 53 56.48 -31.04 1.13
C PHE H 53 55.43 -30.05 1.61
N TYR H 54 55.86 -28.93 2.18
CA TYR H 54 54.93 -27.99 2.81
C TYR H 54 54.01 -27.28 1.81
N PRO H 55 54.60 -26.62 0.80
CA PRO H 55 53.74 -25.90 -0.14
C PRO H 55 52.72 -26.80 -0.83
N LEU H 56 53.10 -28.05 -1.07
CA LEU H 56 52.24 -29.00 -1.79
C LEU H 56 51.13 -29.49 -0.86
N PHE H 57 51.50 -29.81 0.37
CA PHE H 57 50.52 -30.21 1.39
C PHE H 57 49.49 -29.11 1.62
N VAL H 58 49.95 -27.87 1.73
CA VAL H 58 49.06 -26.73 1.95
C VAL H 58 48.12 -26.52 0.77
N HIS H 59 48.64 -26.57 -0.44
CA HIS H 59 47.81 -26.38 -1.63
C HIS H 59 46.77 -27.48 -1.76
N MSE H 60 47.19 -28.72 -1.57
CA MSE H 60 46.30 -29.86 -1.75
C MSE H 60 45.21 -29.87 -0.70
O MSE H 60 44.07 -30.20 -0.99
CB MSE H 60 47.09 -31.17 -1.70
CG MSE H 60 47.99 -31.37 -2.89
SE MSE H 60 49.01 -33.02 -2.78
CE MSE H 60 47.65 -34.27 -3.44
N TYR H 61 45.56 -29.50 0.53
CA TYR H 61 44.59 -29.40 1.60
C TYR H 61 43.53 -28.37 1.25
N LEU H 62 43.97 -27.19 0.82
CA LEU H 62 43.04 -26.10 0.51
C LEU H 62 42.21 -26.39 -0.73
N GLU H 63 42.76 -27.14 -1.67
CA GLU H 63 41.99 -27.61 -2.83
C GLU H 63 40.84 -28.51 -2.39
N LEU H 64 41.12 -29.42 -1.46
CA LEU H 64 40.08 -30.28 -0.91
C LEU H 64 39.01 -29.47 -0.18
N VAL H 65 39.45 -28.53 0.65
CA VAL H 65 38.52 -27.69 1.41
C VAL H 65 37.70 -26.80 0.48
N TYR H 66 38.36 -26.11 -0.43
CA TYR H 66 37.68 -25.17 -1.33
C TYR H 66 36.65 -25.87 -2.19
N ASN H 67 36.92 -27.13 -2.54
CA ASN H 67 36.01 -27.90 -3.37
C ASN H 67 35.03 -28.71 -2.54
N GLN H 68 34.88 -28.32 -1.27
CA GLN H 68 33.85 -28.84 -0.39
C GLN H 68 33.98 -30.33 -0.13
N HIS H 69 35.20 -30.78 0.07
CA HIS H 69 35.48 -32.14 0.50
C HIS H 69 35.97 -32.09 1.94
N GLU H 70 35.07 -31.72 2.85
CA GLU H 70 35.43 -31.48 4.24
C GLU H 70 36.14 -32.64 4.91
N ASN H 71 35.63 -33.86 4.68
CA ASN H 71 36.13 -35.03 5.39
C ASN H 71 37.48 -35.53 4.89
N GLU H 72 37.66 -35.55 3.58
CA GLU H 72 38.95 -35.99 3.02
C GLU H 72 40.03 -34.94 3.30
N ALA H 73 39.64 -33.67 3.31
CA ALA H 73 40.55 -32.59 3.71
C ALA H 73 41.05 -32.84 5.12
N LYS H 74 40.13 -33.13 6.03
CA LYS H 74 40.48 -33.41 7.42
C LYS H 74 41.38 -34.64 7.53
N SER H 75 41.04 -35.69 6.78
CA SER H 75 41.83 -36.91 6.74
C SER H 75 43.24 -36.64 6.20
N PHE H 76 43.31 -35.92 5.08
CA PHE H 76 44.57 -35.53 4.47
C PHE H 76 45.44 -34.75 5.46
N PHE H 77 44.82 -33.80 6.15
CA PHE H 77 45.52 -32.99 7.14
C PHE H 77 46.04 -33.88 8.29
N GLU H 78 45.16 -34.70 8.84
CA GLU H 78 45.52 -35.54 9.98
C GLU H 78 46.67 -36.49 9.66
N LYS H 79 46.69 -36.97 8.42
CA LYS H 79 47.70 -37.95 8.01
C LYS H 79 49.10 -37.36 7.76
N PHE H 80 49.17 -36.15 7.23
CA PHE H 80 50.45 -35.61 6.76
C PHE H 80 50.96 -34.36 7.47
N HIS H 81 50.16 -33.77 8.35
CA HIS H 81 50.57 -32.52 8.99
C HIS H 81 51.75 -32.76 9.92
N GLY H 82 51.79 -33.94 10.53
CA GLY H 82 52.80 -34.26 11.53
C GLY H 82 54.22 -34.25 11.02
N ASP H 83 54.42 -34.67 9.78
CA ASP H 83 55.77 -34.81 9.23
C ASP H 83 56.25 -33.54 8.51
N GLN H 84 55.49 -32.46 8.61
CA GLN H 84 55.96 -31.18 8.09
C GLN H 84 56.98 -30.62 9.08
N GLU H 85 57.78 -29.65 8.64
CA GLU H 85 58.82 -29.09 9.48
C GLU H 85 58.23 -28.57 10.78
N CYS H 86 58.97 -28.76 11.88
CA CYS H 86 58.51 -28.32 13.19
C CYS H 86 58.13 -26.85 13.20
N TYR H 87 58.82 -26.03 12.42
CA TYR H 87 58.56 -24.59 12.42
C TYR H 87 57.31 -24.19 11.65
N TYR H 88 56.66 -25.16 10.99
CA TYR H 88 55.39 -24.89 10.32
C TYR H 88 54.19 -25.28 11.18
N GLN H 89 54.43 -25.94 12.31
CA GLN H 89 53.33 -26.49 13.12
C GLN H 89 52.38 -25.40 13.63
N ASP H 90 52.92 -24.23 13.96
CA ASP H 90 52.10 -23.10 14.36
C ASP H 90 51.24 -22.59 13.20
N ASP H 91 51.78 -22.65 11.99
CA ASP H 91 51.03 -22.24 10.80
C ASP H 91 49.96 -23.28 10.49
N LEU H 92 50.26 -24.54 10.77
CA LEU H 92 49.35 -25.64 10.51
C LEU H 92 48.12 -25.64 11.42
N ARG H 93 48.26 -25.13 12.63
CA ARG H 93 47.13 -25.02 13.55
C ARG H 93 46.13 -24.00 13.00
N VAL H 94 46.65 -22.90 12.46
CA VAL H 94 45.81 -21.91 11.81
C VAL H 94 45.11 -22.51 10.58
N LEU H 95 45.89 -23.17 9.73
CA LEU H 95 45.34 -23.80 8.52
C LEU H 95 44.20 -24.78 8.84
N SER H 96 44.33 -25.51 9.95
CA SER H 96 43.33 -26.49 10.34
C SER H 96 42.01 -25.84 10.76
N SER H 97 42.07 -24.59 11.18
CA SER H 97 40.84 -23.86 11.55
C SER H 97 40.02 -23.54 10.31
N LEU H 98 40.61 -23.73 9.13
CA LEU H 98 39.88 -23.57 7.87
C LEU H 98 39.40 -24.93 7.37
N THR H 99 38.10 -25.19 7.48
CA THR H 99 37.53 -26.50 7.18
C THR H 99 36.43 -26.48 6.12
N LYS H 100 35.91 -25.29 5.81
CA LYS H 100 34.85 -25.13 4.82
C LYS H 100 35.24 -24.05 3.81
N LYS H 101 34.63 -24.11 2.63
CA LYS H 101 34.91 -23.12 1.58
C LYS H 101 34.65 -21.69 2.07
N GLU H 102 33.59 -21.51 2.85
CA GLU H 102 33.20 -20.18 3.32
C GLU H 102 34.23 -19.61 4.29
N HIS H 103 34.98 -20.48 4.96
CA HIS H 103 36.08 -20.08 5.82
C HIS H 103 37.20 -19.41 5.01
N MSE H 104 37.30 -19.79 3.74
CA MSE H 104 38.36 -19.29 2.87
C MSE H 104 37.92 -18.04 2.13
O MSE H 104 38.71 -17.11 1.95
CB MSE H 104 38.76 -20.36 1.85
CG MSE H 104 39.33 -21.63 2.46
SE MSE H 104 39.63 -23.03 1.12
CE MSE H 104 40.94 -22.13 0.00
N LYS H 105 36.66 -18.02 1.69
CA LYS H 105 36.12 -16.89 0.92
C LYS H 105 36.26 -15.57 1.68
N GLY H 106 36.85 -14.58 1.02
CA GLY H 106 37.03 -13.26 1.59
C GLY H 106 37.96 -13.22 2.79
N ASN H 107 38.67 -14.32 3.03
CA ASN H 107 39.56 -14.42 4.19
C ASN H 107 40.92 -13.82 3.88
N GLU H 108 41.46 -13.09 4.85
CA GLU H 108 42.73 -12.39 4.69
C GLU H 108 43.90 -13.32 4.95
N THR H 109 43.67 -14.33 5.79
CA THR H 109 44.69 -15.33 6.11
C THR H 109 45.14 -16.09 4.86
N MSE H 110 44.25 -16.19 3.87
CA MSE H 110 44.53 -16.92 2.65
C MSE H 110 45.81 -16.44 1.94
O MSE H 110 46.51 -17.24 1.32
CB MSE H 110 43.36 -16.81 1.69
CG MSE H 110 42.12 -17.56 2.15
SE MSE H 110 42.50 -19.42 2.62
CE MSE H 110 43.45 -19.92 0.99
N LEU H 111 46.10 -15.16 2.04
CA LEU H 111 47.29 -14.60 1.41
C LEU H 111 48.56 -15.20 2.01
N ASP H 112 48.50 -15.58 3.28
CA ASP H 112 49.63 -16.19 3.95
C ASP H 112 49.91 -17.60 3.44
N PHE H 113 48.90 -18.25 2.87
CA PHE H 113 49.03 -19.64 2.42
C PHE H 113 49.09 -19.79 0.90
N ARG H 114 49.02 -18.69 0.17
CA ARG H 114 49.05 -18.77 -1.29
C ARG H 114 50.30 -19.53 -1.74
N THR H 115 50.08 -20.51 -2.63
CA THR H 115 51.13 -21.39 -3.11
C THR H 115 52.28 -20.61 -3.76
N SER H 116 51.95 -19.47 -4.36
CA SER H 116 52.93 -18.66 -5.07
C SER H 116 53.96 -17.96 -4.15
N LYS H 117 53.76 -18.02 -2.84
CA LYS H 117 54.68 -17.35 -1.91
C LYS H 117 55.82 -18.26 -1.42
N PHE H 118 55.74 -19.55 -1.74
CA PHE H 118 56.79 -20.49 -1.35
C PHE H 118 57.77 -20.68 -2.50
N VAL H 119 58.95 -20.07 -2.37
CA VAL H 119 59.98 -20.11 -3.41
C VAL H 119 60.70 -21.45 -3.38
N LEU H 120 60.83 -22.10 -4.54
CA LEU H 120 61.41 -23.43 -4.62
C LEU H 120 62.51 -23.52 -5.67
N ARG H 121 63.74 -23.77 -5.22
CA ARG H 121 64.89 -23.87 -6.12
C ARG H 121 65.53 -25.25 -6.01
N ILE H 122 65.66 -25.93 -7.15
CA ILE H 122 66.22 -27.28 -7.18
C ILE H 122 67.08 -27.47 -8.42
N SER H 123 67.89 -28.53 -8.41
CA SER H 123 68.78 -28.83 -9.52
C SER H 123 68.02 -29.48 -10.66
N ARG H 124 68.61 -29.51 -11.84
CA ARG H 124 67.98 -30.12 -13.01
C ARG H 124 67.77 -31.62 -12.83
N ASP H 125 68.78 -32.30 -12.28
CA ASP H 125 68.71 -33.73 -11.99
C ASP H 125 67.50 -34.05 -11.13
N SER H 126 67.40 -33.35 -10.01
CA SER H 126 66.28 -33.50 -9.09
C SER H 126 64.94 -33.29 -9.80
N TYR H 127 64.86 -32.28 -10.65
CA TYR H 127 63.61 -32.00 -11.35
C TYR H 127 63.24 -33.14 -12.27
N GLN H 128 64.23 -33.66 -12.99
CA GLN H 128 64.01 -34.76 -13.94
C GLN H 128 63.51 -36.00 -13.19
N LEU H 129 64.13 -36.29 -12.05
CA LEU H 129 63.73 -37.40 -11.21
C LEU H 129 62.30 -37.21 -10.70
N LEU H 130 62.00 -36.01 -10.25
CA LEU H 130 60.65 -35.66 -9.81
C LEU H 130 59.65 -35.82 -10.93
N LYS H 131 59.94 -35.19 -12.07
CA LYS H 131 59.04 -35.23 -13.21
C LYS H 131 58.72 -36.67 -13.60
N ARG H 132 59.73 -37.54 -13.61
CA ARG H 132 59.54 -38.95 -13.93
C ARG H 132 58.62 -39.63 -12.90
N HIS H 133 58.89 -39.39 -11.62
CA HIS H 133 58.02 -39.94 -10.58
C HIS H 133 56.57 -39.53 -10.78
N LEU H 134 56.35 -38.25 -11.05
CA LEU H 134 54.99 -37.72 -11.13
C LEU H 134 54.23 -38.16 -12.38
N GLN H 135 54.96 -38.67 -13.37
CA GLN H 135 54.34 -39.11 -14.62
C GLN H 135 54.12 -40.63 -14.66
N GLU H 136 54.46 -41.34 -13.59
CA GLU H 136 54.31 -42.79 -13.58
C GLU H 136 52.86 -43.19 -13.38
N LYS H 137 52.16 -42.48 -12.50
CA LYS H 137 50.71 -42.67 -12.36
C LYS H 137 49.98 -41.66 -13.24
N GLN H 138 48.90 -42.11 -13.87
CA GLN H 138 48.13 -41.24 -14.77
C GLN H 138 47.34 -40.21 -13.98
N ASN H 139 47.29 -39.00 -14.50
CA ASN H 139 46.52 -37.91 -13.89
C ASN H 139 46.94 -37.62 -12.44
N ASN H 140 48.23 -37.76 -12.15
CA ASN H 140 48.74 -37.39 -10.84
C ASN H 140 48.52 -35.90 -10.62
N GLN H 141 47.68 -35.56 -9.64
CA GLN H 141 47.29 -34.18 -9.40
C GLN H 141 48.47 -33.29 -8.99
N ILE H 142 49.51 -33.90 -8.42
CA ILE H 142 50.69 -33.15 -7.99
C ILE H 142 51.45 -32.58 -9.19
N TRP H 143 51.47 -33.32 -10.29
CA TRP H 143 52.10 -32.85 -11.52
C TRP H 143 51.38 -31.60 -12.05
N ASN H 144 50.05 -31.61 -11.94
CA ASN H 144 49.25 -30.45 -12.33
C ASN H 144 49.62 -29.24 -11.49
N ILE H 145 49.73 -29.43 -10.18
CA ILE H 145 50.04 -28.33 -9.26
C ILE H 145 51.43 -27.77 -9.53
N VAL H 146 52.40 -28.66 -9.73
CA VAL H 146 53.76 -28.26 -10.08
C VAL H 146 53.76 -27.37 -11.33
N GLN H 147 53.00 -27.79 -12.33
CA GLN H 147 52.96 -27.11 -13.61
C GLN H 147 52.26 -25.76 -13.58
N GLU H 148 51.29 -25.62 -12.69
CA GLU H 148 50.38 -24.48 -12.73
C GLU H 148 50.56 -23.48 -11.59
N HIS H 149 50.85 -23.96 -10.38
CA HIS H 149 50.76 -23.12 -9.19
C HIS H 149 52.05 -23.00 -8.41
N LEU H 150 52.96 -23.94 -8.61
CA LEU H 150 54.17 -24.00 -7.79
C LEU H 150 55.19 -22.96 -8.24
N TYR H 151 55.79 -22.28 -7.27
CA TYR H 151 56.81 -21.27 -7.53
C TYR H 151 58.18 -21.96 -7.56
N ILE H 152 58.51 -22.60 -8.67
CA ILE H 152 59.69 -23.46 -8.76
C ILE H 152 60.59 -23.12 -9.96
N ASP H 153 61.90 -23.12 -9.72
CA ASP H 153 62.89 -22.75 -10.74
C ASP H 153 64.09 -23.70 -10.74
N ILE H 154 64.47 -24.17 -11.93
CA ILE H 154 65.56 -25.13 -12.10
C ILE H 154 66.90 -24.43 -12.26
N PHE H 155 67.94 -24.98 -11.64
CA PHE H 155 69.29 -24.45 -11.75
C PHE H 155 70.31 -25.58 -11.82
N ASP H 156 71.50 -25.28 -12.34
CA ASP H 156 72.57 -26.26 -12.45
C ASP H 156 73.75 -25.88 -11.56
CA CA I . -11.24 0.54 4.10
CA CA J . 7.69 -17.63 -3.47
CA CA K . -4.60 -44.22 9.05
CA CA L . 11.11 -46.44 -12.73
CA CA M . -11.25 46.43 20.22
CA CA N . 4.58 44.33 -1.68
CA CA O . -60.11 4.60 -12.16
CA CA P . 56.00 -21.02 11.68
#